data_9KDH
#
_entry.id   9KDH
#
loop_
_entity.id
_entity.type
_entity.pdbx_description
1 polymer 'Sodium-dependent noradrenaline transporter'
2 non-polymer CHOLESTEROL
3 non-polymer Vanoxerine
4 non-polymer '[(2~{R})-1-[[(2~{S})-2,3-bis(oxidanyl)propoxy]-oxidanyl-phosphoryl]oxy-3-nonanoyloxy-propan-2-yl] decanoate'
#
_entity_poly.entity_id   1
_entity_poly.type   'polypeptide(L)'
_entity_poly.pdbx_seq_one_letter_code
;MDYKDDDDKGSGMLLARMNPQVQPENNGADTGPEQPLRARKTAELLVVKERNGVQCLLAPRDGDAQPRETWGKKIDFLLS
VVGFAVDLANVWRFPYLCYKNGGGAFLIPYTLFLIIAGMPLFYMELALGQYNREGAATVWKICPFFKGVGYAVILIALYV
GFYYNVIIAWSLYYLFSSFTLNLPWTDCGHTWNSPNCTDPKLLNGSVLGNHTKYSKYKFTPAAEFYERGVLHLHESSGIH
DIGLPQWQLLLCLMVVVIVLYFSLWKGVKTSGKVVWITATLPYFVLFVLLVHGVTLPGASNGINAYLHIDFYRLKEATVW
IDAATQIFFSLGAGFGVLIAFASYNKFDNNCYRDALLTSSINCITSFVSGFAIFSILGYMAHEHKVNIEDVATEGAGLVF
ILYPEAISTLSGSTFWAVVFFVMLLALGLDSSMGGMEAVITGLADDFQVLKRHRKLFTFGVTFSTFLLALFCITKGGIYV
LTLLDTFAAGTSILFAVLMEAIGVSWFYGVDRFSNDIQQMMGFRPGLYWRLCWKFVSPAFLLFVVVVSIINFKPLTYDDY
IFPPWANWVGWGIALSSMVLVPIYVIYKFLSTQGSLWERLAYGITPENEHHLVAQRDIRQFQLQHWLAI
;
_entity_poly.pdbx_strand_id   A,B
#
# COMPACT_ATOMS: atom_id res chain seq x y z
N ARG A 68 1.27 -14.71 30.57
CA ARG A 68 0.27 -13.94 29.82
C ARG A 68 -0.77 -13.34 30.76
N GLU A 69 -1.50 -12.34 30.26
CA GLU A 69 -2.51 -11.69 31.07
C GLU A 69 -3.75 -12.57 31.21
N THR A 70 -4.61 -12.21 32.16
CA THR A 70 -5.84 -12.94 32.43
C THR A 70 -7.00 -11.98 32.51
N TRP A 71 -8.13 -12.38 31.93
CA TRP A 71 -9.33 -11.55 31.97
C TRP A 71 -9.85 -11.43 33.40
N GLY A 72 -10.35 -10.24 33.73
CA GLY A 72 -10.87 -10.01 35.07
C GLY A 72 -12.14 -10.82 35.33
N LYS A 73 -12.53 -10.87 36.60
CA LYS A 73 -13.73 -11.61 36.97
C LYS A 73 -15.00 -10.93 36.46
N LYS A 74 -14.93 -9.62 36.20
CA LYS A 74 -16.10 -8.92 35.69
C LYS A 74 -16.49 -9.40 34.30
N ILE A 75 -15.49 -9.62 33.43
CA ILE A 75 -15.76 -10.12 32.08
C ILE A 75 -15.87 -11.64 32.02
N ASP A 76 -15.38 -12.35 33.04
CA ASP A 76 -15.45 -13.80 33.07
C ASP A 76 -16.69 -14.31 33.79
N PHE A 77 -17.61 -13.43 34.17
CA PHE A 77 -18.82 -13.84 34.87
C PHE A 77 -19.70 -14.69 33.97
N LEU A 78 -20.57 -15.50 34.59
CA LEU A 78 -21.47 -16.36 33.83
C LEU A 78 -22.44 -15.54 32.99
N LEU A 79 -22.89 -14.40 33.49
CA LEU A 79 -23.81 -13.53 32.77
C LEU A 79 -23.08 -12.51 31.89
N SER A 80 -21.76 -12.63 31.77
CA SER A 80 -20.97 -11.73 30.93
C SER A 80 -20.77 -12.27 29.52
N VAL A 81 -21.35 -13.45 29.24
CA VAL A 81 -21.27 -14.03 27.86
C VAL A 81 -22.18 -13.21 26.94
N VAL A 82 -23.19 -12.54 27.51
CA VAL A 82 -24.15 -11.75 26.69
C VAL A 82 -23.37 -10.63 25.97
N GLY A 83 -22.32 -10.11 26.61
CA GLY A 83 -21.48 -9.07 25.96
C GLY A 83 -20.79 -9.63 24.74
N PHE A 84 -20.33 -10.88 24.81
CA PHE A 84 -19.59 -11.50 23.67
C PHE A 84 -20.58 -12.14 22.69
N ALA A 85 -21.88 -12.03 22.97
CA ALA A 85 -22.89 -12.70 22.10
C ALA A 85 -23.55 -11.68 21.16
N VAL A 86 -23.13 -10.42 21.22
CA VAL A 86 -23.67 -9.36 20.30
C VAL A 86 -22.48 -8.74 19.57
N ASP A 87 -22.69 -8.30 18.33
CA ASP A 87 -21.58 -7.72 17.52
C ASP A 87 -22.19 -6.78 16.48
N LEU A 88 -21.35 -5.96 15.85
CA LEU A 88 -21.86 -5.04 14.80
C LEU A 88 -22.54 -5.90 13.73
N ALA A 89 -22.05 -7.13 13.54
CA ALA A 89 -22.60 -8.04 12.51
C ALA A 89 -24.05 -8.41 12.84
N ASN A 90 -24.35 -8.68 14.10
CA ASN A 90 -25.72 -9.11 14.49
C ASN A 90 -26.70 -7.96 14.32
N VAL A 91 -26.23 -6.71 14.46
CA VAL A 91 -27.16 -5.54 14.40
C VAL A 91 -27.07 -4.86 13.03
N TRP A 92 -25.92 -4.96 12.35
CA TRP A 92 -25.75 -4.25 11.07
C TRP A 92 -25.71 -5.21 9.88
N ARG A 93 -24.93 -6.30 9.96
CA ARG A 93 -24.78 -7.20 8.78
C ARG A 93 -25.98 -8.15 8.67
N PHE A 94 -26.35 -8.82 9.77
CA PHE A 94 -27.45 -9.81 9.69
C PHE A 94 -28.67 -9.20 8.99
N PRO A 95 -29.17 -8.01 9.40
CA PRO A 95 -30.42 -7.46 8.82
C PRO A 95 -30.44 -7.45 7.30
N TYR A 96 -29.45 -6.83 6.65
CA TYR A 96 -29.48 -6.76 5.20
C TYR A 96 -29.14 -8.09 4.56
N LEU A 97 -28.37 -8.94 5.23
CA LEU A 97 -28.12 -10.27 4.69
C LEU A 97 -29.38 -11.12 4.68
N CYS A 98 -30.26 -10.94 5.67
CA CYS A 98 -31.52 -11.66 5.69
C CYS A 98 -32.52 -11.04 4.74
N TYR A 99 -32.51 -9.71 4.61
CA TYR A 99 -33.44 -9.04 3.71
C TYR A 99 -33.10 -9.35 2.25
N LYS A 100 -31.81 -9.50 1.95
CA LYS A 100 -31.41 -9.81 0.58
C LYS A 100 -31.84 -11.21 0.17
N ASN A 101 -31.84 -12.16 1.10
CA ASN A 101 -32.23 -13.54 0.82
C ASN A 101 -33.72 -13.78 1.00
N GLY A 102 -34.52 -12.71 1.09
CA GLY A 102 -35.96 -12.87 1.18
C GLY A 102 -36.51 -12.84 2.59
N GLY A 103 -35.80 -13.47 3.52
CA GLY A 103 -36.27 -13.55 4.89
C GLY A 103 -37.05 -14.82 5.18
N GLY A 104 -36.77 -15.46 6.30
CA GLY A 104 -37.40 -16.75 6.60
C GLY A 104 -36.68 -17.92 5.95
N ALA A 105 -36.45 -17.84 4.64
CA ALA A 105 -35.65 -18.84 3.95
C ALA A 105 -34.17 -18.75 4.30
N PHE A 106 -33.77 -17.71 5.03
CA PHE A 106 -32.39 -17.54 5.45
C PHE A 106 -32.13 -18.06 6.85
N LEU A 107 -33.19 -18.19 7.67
CA LEU A 107 -33.00 -18.63 9.05
C LEU A 107 -32.63 -20.10 9.12
N ILE A 108 -33.18 -20.93 8.25
CA ILE A 108 -32.94 -22.37 8.26
C ILE A 108 -31.48 -22.65 7.95
N PRO A 109 -30.89 -22.11 6.86
CA PRO A 109 -29.45 -22.33 6.67
C PRO A 109 -28.60 -21.70 7.77
N TYR A 110 -29.01 -20.55 8.28
CA TYR A 110 -28.30 -19.91 9.39
C TYR A 110 -28.25 -20.85 10.61
N THR A 111 -29.42 -21.33 11.04
CA THR A 111 -29.48 -22.20 12.20
C THR A 111 -28.75 -23.51 11.95
N LEU A 112 -28.86 -24.05 10.74
CA LEU A 112 -28.17 -25.30 10.41
C LEU A 112 -26.66 -25.13 10.51
N PHE A 113 -26.13 -24.09 9.88
CA PHE A 113 -24.68 -23.84 9.92
C PHE A 113 -24.23 -23.49 11.33
N LEU A 114 -25.13 -22.94 12.14
CA LEU A 114 -24.79 -22.65 13.53
C LEU A 114 -24.68 -23.93 14.34
N ILE A 115 -25.62 -24.86 14.16
CA ILE A 115 -25.65 -26.04 15.02
C ILE A 115 -24.64 -27.09 14.56
N ILE A 116 -24.34 -27.15 13.26
CA ILE A 116 -23.43 -28.19 12.78
C ILE A 116 -22.05 -27.66 12.42
N ALA A 117 -21.91 -26.38 12.08
CA ALA A 117 -20.63 -25.85 11.67
C ALA A 117 -20.14 -24.73 12.60
N GLY A 118 -21.03 -23.77 12.90
CA GLY A 118 -20.60 -22.61 13.66
C GLY A 118 -20.19 -22.95 15.08
N MET A 119 -21.08 -23.62 15.82
CA MET A 119 -20.79 -23.95 17.21
C MET A 119 -19.64 -24.94 17.37
N PRO A 120 -19.53 -26.01 16.55
CA PRO A 120 -18.34 -26.88 16.68
C PRO A 120 -17.03 -26.15 16.45
N LEU A 121 -16.94 -25.32 15.41
CA LEU A 121 -15.71 -24.57 15.17
C LEU A 121 -15.46 -23.55 16.28
N PHE A 122 -16.52 -22.96 16.82
CA PHE A 122 -16.39 -22.05 17.95
C PHE A 122 -15.75 -22.76 19.14
N TYR A 123 -16.29 -23.92 19.51
CA TYR A 123 -15.74 -24.70 20.61
C TYR A 123 -14.31 -25.13 20.33
N MET A 124 -14.03 -25.54 19.09
CA MET A 124 -12.68 -25.98 18.74
C MET A 124 -11.67 -24.84 18.88
N GLU A 125 -12.01 -23.66 18.36
CA GLU A 125 -11.09 -22.53 18.45
C GLU A 125 -10.91 -22.09 19.89
N LEU A 126 -11.99 -22.10 20.68
CA LEU A 126 -11.86 -21.76 22.10
C LEU A 126 -10.91 -22.71 22.81
N ALA A 127 -11.10 -24.03 22.62
CA ALA A 127 -10.26 -25.00 23.29
C ALA A 127 -8.81 -24.89 22.83
N LEU A 128 -8.59 -24.66 21.52
CA LEU A 128 -7.25 -24.54 21.00
C LEU A 128 -6.54 -23.32 21.58
N GLY A 129 -7.24 -22.18 21.62
CA GLY A 129 -6.64 -20.98 22.18
C GLY A 129 -6.38 -21.09 23.67
N GLN A 130 -7.23 -21.83 24.38
CA GLN A 130 -7.02 -22.01 25.81
C GLN A 130 -5.88 -22.98 26.09
N TYR A 131 -5.68 -23.97 25.22
CA TYR A 131 -4.63 -24.96 25.46
C TYR A 131 -3.26 -24.46 25.02
N ASN A 132 -3.17 -23.82 23.86
CA ASN A 132 -1.88 -23.43 23.31
C ASN A 132 -1.33 -22.14 23.89
N ARG A 133 -2.18 -21.26 24.41
CA ARG A 133 -1.76 -19.98 24.98
C ARG A 133 -0.95 -19.17 23.96
N GLU A 134 -1.42 -19.15 22.72
CA GLU A 134 -0.72 -18.47 21.63
C GLU A 134 -1.72 -17.61 20.86
N GLY A 135 -1.20 -16.89 19.88
CA GLY A 135 -2.00 -16.01 19.05
C GLY A 135 -2.72 -16.77 17.95
N ALA A 136 -3.10 -16.03 16.92
CA ALA A 136 -3.84 -16.63 15.80
C ALA A 136 -2.95 -17.55 14.97
N ALA A 137 -1.74 -17.10 14.66
CA ALA A 137 -0.84 -17.89 13.84
C ALA A 137 -0.03 -18.88 14.68
N THR A 138 0.49 -18.42 15.82
CA THR A 138 1.37 -19.25 16.63
C THR A 138 0.65 -20.44 17.25
N VAL A 139 -0.69 -20.39 17.31
CA VAL A 139 -1.46 -21.52 17.83
C VAL A 139 -1.24 -22.78 17.02
N TRP A 140 -0.66 -22.66 15.83
CA TRP A 140 -0.35 -23.81 15.00
C TRP A 140 1.05 -24.33 15.31
N LYS A 141 1.53 -24.08 16.52
CA LYS A 141 2.78 -24.70 16.96
C LYS A 141 2.71 -26.22 16.99
N ILE A 142 1.50 -26.78 16.98
CA ILE A 142 1.34 -28.23 16.95
C ILE A 142 1.47 -28.76 15.52
N CYS A 143 1.33 -27.89 14.52
CA CYS A 143 1.47 -28.29 13.12
C CYS A 143 1.95 -27.09 12.34
N PRO A 144 3.26 -27.00 12.06
CA PRO A 144 3.79 -25.80 11.40
C PRO A 144 3.22 -25.53 10.02
N PHE A 145 2.98 -26.59 9.24
CA PHE A 145 2.53 -26.38 7.83
C PHE A 145 1.26 -25.54 7.82
N PHE A 146 0.63 -25.35 8.98
CA PHE A 146 -0.66 -24.61 9.00
C PHE A 146 -0.49 -23.20 9.58
N LYS A 147 0.73 -22.80 9.90
CA LYS A 147 0.94 -21.46 10.52
C LYS A 147 0.62 -20.38 9.47
N GLY A 148 0.71 -20.73 8.20
CA GLY A 148 0.46 -19.74 7.12
C GLY A 148 -1.02 -19.46 6.99
N VAL A 149 -1.83 -20.28 7.65
CA VAL A 149 -3.27 -20.03 7.62
C VAL A 149 -3.66 -19.07 8.75
N GLY A 150 -2.94 -19.14 9.88
CA GLY A 150 -3.14 -18.15 10.93
C GLY A 150 -2.96 -16.75 10.41
N TYR A 151 -1.80 -16.46 9.82
CA TYR A 151 -1.59 -15.18 9.14
C TYR A 151 -2.79 -14.82 8.28
N ALA A 152 -3.30 -15.80 7.52
CA ALA A 152 -4.46 -15.57 6.67
C ALA A 152 -5.57 -14.90 7.44
N VAL A 153 -6.06 -15.55 8.49
CA VAL A 153 -7.19 -14.98 9.22
C VAL A 153 -6.80 -13.63 9.81
N ILE A 154 -5.54 -13.49 10.24
CA ILE A 154 -5.06 -12.19 10.70
C ILE A 154 -5.30 -11.15 9.63
N LEU A 155 -4.76 -11.37 8.43
CA LEU A 155 -5.01 -10.46 7.33
C LEU A 155 -6.51 -10.26 7.14
N ILE A 156 -7.28 -11.35 7.17
CA ILE A 156 -8.73 -11.25 7.04
C ILE A 156 -9.27 -10.26 8.06
N ALA A 157 -8.90 -10.44 9.34
CA ALA A 157 -9.35 -9.50 10.37
C ALA A 157 -8.97 -8.08 10.00
N LEU A 158 -7.72 -7.87 9.57
CA LEU A 158 -7.30 -6.54 9.15
C LEU A 158 -8.20 -6.02 8.04
N TYR A 159 -8.46 -6.85 7.03
CA TYR A 159 -9.36 -6.47 5.95
C TYR A 159 -10.69 -5.99 6.50
N VAL A 160 -11.23 -6.71 7.50
CA VAL A 160 -12.50 -6.30 8.10
C VAL A 160 -12.38 -4.89 8.65
N GLY A 161 -11.33 -4.62 9.41
CA GLY A 161 -11.14 -3.28 9.94
C GLY A 161 -11.15 -2.22 8.86
N PHE A 162 -10.62 -2.56 7.68
CA PHE A 162 -10.51 -1.59 6.59
C PHE A 162 -11.85 -0.96 6.25
N TYR A 163 -12.93 -1.60 6.71
CA TYR A 163 -14.30 -1.07 6.44
C TYR A 163 -15.16 -1.07 7.71
N TYR A 164 -14.82 -1.91 8.70
CA TYR A 164 -15.60 -1.94 9.97
C TYR A 164 -15.49 -0.59 10.67
N ASN A 165 -14.30 0.00 10.66
CA ASN A 165 -14.07 1.32 11.31
C ASN A 165 -14.85 2.40 10.55
N VAL A 166 -14.97 2.26 9.23
CA VAL A 166 -15.72 3.25 8.40
C VAL A 166 -17.18 3.24 8.85
N ILE A 167 -17.67 2.10 9.33
CA ILE A 167 -19.05 2.00 9.78
C ILE A 167 -19.24 2.79 11.06
N ILE A 168 -18.31 2.62 12.01
CA ILE A 168 -18.36 3.40 13.26
C ILE A 168 -18.43 4.88 12.93
N ALA A 169 -17.55 5.35 12.05
CA ALA A 169 -17.56 6.76 11.65
C ALA A 169 -18.95 7.17 11.19
N TRP A 170 -19.60 6.35 10.37
CA TRP A 170 -20.96 6.63 9.95
C TRP A 170 -21.84 6.91 11.16
N SER A 171 -21.89 5.96 12.10
CA SER A 171 -22.69 6.16 13.31
C SER A 171 -22.27 7.44 14.02
N LEU A 172 -20.96 7.70 14.08
CA LEU A 172 -20.49 8.93 14.72
C LEU A 172 -21.11 10.15 14.06
N TYR A 173 -21.11 10.18 12.72
CA TYR A 173 -21.77 11.28 12.02
C TYR A 173 -23.24 11.35 12.41
N TYR A 174 -23.92 10.20 12.48
CA TYR A 174 -25.31 10.19 12.91
C TYR A 174 -25.44 10.74 14.32
N LEU A 175 -24.45 10.48 15.18
CA LEU A 175 -24.45 11.09 16.50
C LEU A 175 -24.46 12.62 16.40
N PHE A 176 -23.62 13.16 15.52
CA PHE A 176 -23.60 14.60 15.31
C PHE A 176 -24.92 15.07 14.70
N SER A 177 -25.64 14.18 14.04
CA SER A 177 -26.96 14.50 13.51
C SER A 177 -28.08 14.22 14.49
N SER A 178 -27.76 13.69 15.68
CA SER A 178 -28.77 13.31 16.65
C SER A 178 -29.06 14.40 17.68
N PHE A 179 -28.18 15.38 17.84
CA PHE A 179 -28.40 16.44 18.82
C PHE A 179 -29.15 17.62 18.20
N THR A 180 -30.29 17.33 17.57
CA THR A 180 -31.13 18.36 16.98
C THR A 180 -32.59 18.08 17.31
N LEU A 181 -33.39 19.15 17.35
CA LEU A 181 -34.81 18.99 17.62
C LEU A 181 -35.51 18.34 16.44
N ASN A 182 -35.16 18.72 15.22
CA ASN A 182 -35.71 18.14 14.00
C ASN A 182 -34.63 17.26 13.37
N LEU A 183 -34.89 15.96 13.30
CA LEU A 183 -33.92 15.04 12.73
C LEU A 183 -33.75 15.31 11.25
N PRO A 184 -32.54 15.21 10.70
CA PRO A 184 -32.33 15.49 9.27
C PRO A 184 -32.95 14.45 8.35
N TRP A 185 -33.21 13.24 8.84
CA TRP A 185 -33.81 12.19 8.04
C TRP A 185 -35.33 12.14 8.15
N THR A 186 -35.93 13.11 8.84
CA THR A 186 -37.39 13.08 9.01
C THR A 186 -38.12 13.49 7.75
N ASP A 187 -37.73 14.62 7.15
CA ASP A 187 -38.41 15.14 5.97
C ASP A 187 -37.38 15.68 4.99
N CYS A 188 -37.87 16.11 3.83
CA CYS A 188 -37.04 16.69 2.79
C CYS A 188 -36.84 18.18 3.06
N GLY A 189 -36.27 18.89 2.09
CA GLY A 189 -36.11 20.32 2.20
C GLY A 189 -34.72 20.79 2.61
N HIS A 190 -33.75 19.89 2.72
CA HIS A 190 -32.40 20.27 3.11
C HIS A 190 -31.53 20.47 1.86
N THR A 191 -30.24 20.67 2.10
CA THR A 191 -29.31 20.89 0.98
C THR A 191 -29.04 19.60 0.23
N TRP A 192 -28.80 18.51 0.96
CA TRP A 192 -28.50 17.24 0.31
C TRP A 192 -29.72 16.64 -0.37
N ASN A 193 -30.93 17.00 0.08
CA ASN A 193 -32.15 16.47 -0.51
C ASN A 193 -32.28 16.90 -1.96
N SER A 194 -32.36 15.91 -2.86
CA SER A 194 -32.53 16.17 -4.27
C SER A 194 -34.00 16.46 -4.57
N PRO A 195 -34.30 16.99 -5.76
CA PRO A 195 -35.71 17.18 -6.14
C PRO A 195 -36.53 15.89 -6.10
N ASN A 196 -35.87 14.73 -6.25
CA ASN A 196 -36.56 13.44 -6.15
C ASN A 196 -36.54 12.97 -4.70
N CYS A 197 -37.20 13.76 -3.86
CA CYS A 197 -37.32 13.47 -2.43
C CYS A 197 -38.81 13.53 -2.07
N THR A 198 -39.38 12.37 -1.76
CA THR A 198 -40.81 12.25 -1.47
C THR A 198 -40.99 11.89 0.00
N ASP A 199 -41.51 12.82 0.78
CA ASP A 199 -41.77 12.56 2.20
C ASP A 199 -43.16 11.95 2.35
N PRO A 200 -43.33 10.93 3.19
CA PRO A 200 -44.66 10.31 3.35
C PRO A 200 -45.70 11.26 3.91
N LYS A 201 -45.30 12.23 4.74
CA LYS A 201 -46.25 13.16 5.34
C LYS A 201 -46.59 14.32 4.42
N LEU A 202 -45.87 14.49 3.31
CA LEU A 202 -46.11 15.57 2.37
C LEU A 202 -46.89 15.10 1.14
N LEU A 203 -47.80 14.15 1.33
CA LEU A 203 -48.60 13.66 0.20
C LEU A 203 -49.56 14.73 -0.30
N ASN A 204 -49.92 15.71 0.55
CA ASN A 204 -50.82 16.77 0.13
C ASN A 204 -50.22 17.58 -1.01
N GLY A 205 -48.91 17.82 -0.98
CA GLY A 205 -48.25 18.53 -2.06
C GLY A 205 -48.08 17.71 -3.33
N SER A 206 -47.73 16.43 -3.19
CA SER A 206 -47.60 15.51 -4.31
C SER A 206 -46.58 16.02 -5.34
N VAL A 207 -45.34 16.17 -4.89
CA VAL A 207 -44.26 16.54 -5.79
C VAL A 207 -44.00 15.41 -6.79
N LEU A 208 -43.87 14.19 -6.29
CA LEU A 208 -43.74 13.02 -7.14
C LEU A 208 -44.58 11.84 -6.67
N GLY A 209 -45.26 11.95 -5.55
CA GLY A 209 -46.06 10.84 -5.03
C GLY A 209 -45.28 9.96 -4.09
N ASN A 210 -46.01 9.33 -3.17
CA ASN A 210 -45.38 8.42 -2.22
C ASN A 210 -44.76 7.22 -2.94
N HIS A 211 -45.36 6.80 -4.05
CA HIS A 211 -44.86 5.69 -4.84
C HIS A 211 -44.51 6.17 -6.24
N THR A 212 -43.24 6.08 -6.60
CA THR A 212 -42.76 6.48 -7.92
C THR A 212 -42.26 5.32 -8.75
N LYS A 213 -41.38 4.49 -8.20
CA LYS A 213 -40.87 3.31 -8.88
C LYS A 213 -40.46 2.31 -7.80
N TYR A 214 -40.33 1.04 -8.18
CA TYR A 214 -40.03 -0.03 -7.23
C TYR A 214 -38.81 -0.82 -7.72
N SER A 215 -37.63 -0.26 -7.49
CA SER A 215 -36.39 -1.03 -7.62
C SER A 215 -35.71 -1.12 -6.25
N LYS A 216 -35.46 0.05 -5.64
CA LYS A 216 -34.98 0.13 -4.27
C LYS A 216 -35.61 1.27 -3.49
N TYR A 217 -36.25 2.23 -4.17
CA TYR A 217 -36.87 3.41 -3.54
C TYR A 217 -35.85 4.16 -2.68
N LYS A 218 -34.81 4.66 -3.33
CA LYS A 218 -33.78 5.46 -2.67
C LYS A 218 -34.17 6.93 -2.59
N PHE A 219 -35.46 7.25 -2.71
CA PHE A 219 -35.95 8.63 -2.66
C PHE A 219 -36.54 8.99 -1.31
N THR A 220 -36.42 8.11 -0.32
CA THR A 220 -36.94 8.41 1.00
C THR A 220 -36.00 9.36 1.74
N PRO A 221 -36.52 10.19 2.66
CA PRO A 221 -35.65 11.14 3.36
C PRO A 221 -34.48 10.49 4.07
N ALA A 222 -34.68 9.31 4.69
CA ALA A 222 -33.58 8.61 5.34
C ALA A 222 -32.54 8.16 4.31
N ALA A 223 -32.99 7.60 3.19
CA ALA A 223 -32.05 7.17 2.16
C ALA A 223 -31.32 8.35 1.54
N GLU A 224 -32.02 9.48 1.37
CA GLU A 224 -31.37 10.67 0.83
C GLU A 224 -30.33 11.22 1.80
N PHE A 225 -30.63 11.20 3.10
CA PHE A 225 -29.67 11.65 4.09
C PHE A 225 -28.47 10.72 4.18
N TYR A 226 -28.70 9.42 4.00
CA TYR A 226 -27.61 8.46 4.09
C TYR A 226 -26.69 8.52 2.87
N GLU A 227 -27.27 8.42 1.67
CA GLU A 227 -26.47 8.33 0.46
C GLU A 227 -25.87 9.67 0.07
N ARG A 228 -26.62 10.75 0.24
CA ARG A 228 -26.16 12.08 -0.16
C ARG A 228 -25.65 12.92 1.00
N GLY A 229 -26.37 12.94 2.13
CA GLY A 229 -25.96 13.77 3.24
C GLY A 229 -24.77 13.23 4.01
N VAL A 230 -24.56 11.92 3.97
CA VAL A 230 -23.48 11.28 4.70
C VAL A 230 -22.39 10.78 3.75
N LEU A 231 -22.74 9.87 2.83
CA LEU A 231 -21.75 9.31 1.93
C LEU A 231 -21.50 10.17 0.71
N HIS A 232 -22.46 11.02 0.34
CA HIS A 232 -22.38 11.85 -0.87
C HIS A 232 -22.16 10.98 -2.10
N LEU A 233 -22.96 9.92 -2.23
CA LEU A 233 -22.81 9.01 -3.36
C LEU A 233 -23.24 9.66 -4.67
N HIS A 234 -24.07 10.70 -4.60
CA HIS A 234 -24.52 11.39 -5.81
C HIS A 234 -23.37 12.05 -6.56
N GLU A 235 -22.26 12.33 -5.89
CA GLU A 235 -21.09 12.93 -6.51
C GLU A 235 -20.15 11.89 -7.11
N SER A 236 -20.62 10.66 -7.34
CA SER A 236 -19.81 9.61 -7.92
C SER A 236 -20.71 8.68 -8.73
N SER A 237 -20.16 8.18 -9.84
CA SER A 237 -20.90 7.30 -10.72
C SER A 237 -20.46 5.84 -10.62
N GLY A 238 -19.36 5.56 -9.93
CA GLY A 238 -18.90 4.19 -9.81
C GLY A 238 -17.70 4.10 -8.91
N ILE A 239 -17.05 2.94 -8.94
CA ILE A 239 -15.87 2.69 -8.12
C ILE A 239 -14.65 3.29 -8.81
N HIS A 240 -14.79 3.61 -10.09
CA HIS A 240 -13.70 4.20 -10.86
C HIS A 240 -13.57 5.70 -10.64
N ASP A 241 -14.61 6.36 -10.15
CA ASP A 241 -14.58 7.81 -9.96
C ASP A 241 -15.01 8.18 -8.54
N ILE A 242 -14.46 7.49 -7.54
CA ILE A 242 -14.83 7.75 -6.16
C ILE A 242 -14.48 9.18 -5.77
N GLY A 243 -13.31 9.66 -6.18
CA GLY A 243 -12.91 11.03 -5.91
C GLY A 243 -12.08 11.19 -4.65
N LEU A 244 -12.39 12.24 -3.88
CA LEU A 244 -11.68 12.59 -2.66
C LEU A 244 -12.53 12.29 -1.43
N PRO A 245 -11.91 11.85 -0.34
CA PRO A 245 -12.69 11.52 0.86
C PRO A 245 -13.36 12.75 1.47
N GLN A 246 -14.58 12.57 1.96
CA GLN A 246 -15.30 13.64 2.62
C GLN A 246 -14.59 14.04 3.91
N TRP A 247 -14.55 15.35 4.17
CA TRP A 247 -13.85 15.83 5.37
C TRP A 247 -14.62 15.50 6.64
N GLN A 248 -15.95 15.45 6.55
CA GLN A 248 -16.74 15.05 7.71
C GLN A 248 -16.43 13.60 8.10
N LEU A 249 -16.53 12.69 7.13
CA LEU A 249 -16.16 11.30 7.38
C LEU A 249 -14.68 11.17 7.73
N LEU A 250 -13.84 12.07 7.19
CA LEU A 250 -12.43 12.07 7.57
C LEU A 250 -12.26 12.32 9.05
N LEU A 251 -12.87 13.39 9.57
CA LEU A 251 -12.78 13.68 11.00
C LEU A 251 -13.42 12.59 11.84
N CYS A 252 -14.53 12.02 11.35
CA CYS A 252 -15.18 10.93 12.09
C CYS A 252 -14.25 9.73 12.22
N LEU A 253 -13.61 9.32 11.12
CA LEU A 253 -12.70 8.18 11.16
C LEU A 253 -11.46 8.52 11.99
N MET A 254 -11.03 9.77 11.98
CA MET A 254 -9.91 10.17 12.83
C MET A 254 -10.27 10.00 14.30
N VAL A 255 -11.45 10.48 14.70
CA VAL A 255 -11.90 10.31 16.08
C VAL A 255 -12.02 8.83 16.42
N VAL A 256 -12.52 8.03 15.48
CA VAL A 256 -12.69 6.60 15.72
C VAL A 256 -11.35 5.94 15.98
N VAL A 257 -10.36 6.20 15.12
CA VAL A 257 -9.07 5.56 15.29
C VAL A 257 -8.33 6.11 16.51
N ILE A 258 -8.61 7.36 16.90
CA ILE A 258 -8.01 7.90 18.11
C ILE A 258 -8.57 7.20 19.34
N VAL A 259 -9.89 6.99 19.39
CA VAL A 259 -10.48 6.25 20.49
C VAL A 259 -10.00 4.81 20.48
N LEU A 260 -9.79 4.24 19.30
CA LEU A 260 -9.32 2.86 19.20
C LEU A 260 -7.87 2.72 19.67
N TYR A 261 -7.04 3.72 19.37
CA TYR A 261 -5.60 3.61 19.74
C TYR A 261 -5.46 3.59 21.25
N PHE A 262 -6.17 4.51 21.94
CA PHE A 262 -6.02 4.63 23.41
C PHE A 262 -6.83 3.56 24.12
N SER A 263 -7.44 2.66 23.35
CA SER A 263 -8.21 1.54 23.96
C SER A 263 -7.45 0.23 23.73
N LEU A 264 -6.30 0.29 23.05
CA LEU A 264 -5.50 -0.93 22.75
C LEU A 264 -4.08 -0.77 23.32
N TRP A 265 -3.59 0.47 23.39
CA TRP A 265 -2.13 0.74 23.49
C TRP A 265 -1.54 0.11 24.76
N LYS A 266 -2.36 -0.12 25.78
CA LYS A 266 -1.85 -0.65 27.08
C LYS A 266 -2.20 -2.13 27.20
N GLY A 267 -2.31 -2.85 26.07
CA GLY A 267 -2.57 -4.27 26.07
C GLY A 267 -4.05 -4.59 26.19
N VAL A 268 -4.30 -5.82 26.63
CA VAL A 268 -5.67 -6.29 26.80
C VAL A 268 -6.31 -5.60 28.00
N LYS A 269 -7.53 -5.09 27.81
CA LYS A 269 -8.31 -4.49 28.88
C LYS A 269 -9.16 -5.56 29.53
N THR A 270 -8.86 -5.90 30.78
CA THR A 270 -9.60 -6.95 31.47
C THR A 270 -11.08 -6.61 31.60
N SER A 271 -11.38 -5.37 31.99
CA SER A 271 -12.76 -4.94 32.14
C SER A 271 -12.83 -3.42 32.02
N GLY A 272 -13.93 -2.94 31.46
CA GLY A 272 -14.12 -1.51 31.28
C GLY A 272 -15.56 -1.20 30.98
N LYS A 273 -15.85 0.10 30.88
CA LYS A 273 -17.20 0.57 30.59
C LYS A 273 -17.66 0.09 29.22
N VAL A 274 -16.72 -0.12 28.30
CA VAL A 274 -17.05 -0.56 26.95
C VAL A 274 -17.72 -1.92 26.99
N VAL A 275 -17.10 -2.89 27.67
CA VAL A 275 -17.68 -4.22 27.78
C VAL A 275 -18.80 -4.29 28.81
N TRP A 276 -19.08 -3.19 29.51
CA TRP A 276 -20.18 -3.16 30.47
C TRP A 276 -21.46 -2.63 29.84
N ILE A 277 -21.35 -1.61 28.98
CA ILE A 277 -22.55 -1.03 28.37
C ILE A 277 -23.04 -1.83 27.17
N THR A 278 -22.15 -2.60 26.53
CA THR A 278 -22.55 -3.41 25.37
C THR A 278 -23.30 -4.68 25.76
N ALA A 279 -23.54 -4.91 27.05
CA ALA A 279 -24.27 -6.09 27.48
C ALA A 279 -25.74 -5.81 27.78
N THR A 280 -26.08 -4.57 28.10
CA THR A 280 -27.45 -4.19 28.43
C THR A 280 -28.08 -3.25 27.43
N LEU A 281 -27.32 -2.31 26.86
CA LEU A 281 -27.86 -1.37 25.89
C LEU A 281 -28.35 -2.02 24.60
N PRO A 282 -27.60 -2.95 23.97
CA PRO A 282 -28.13 -3.58 22.74
C PRO A 282 -29.45 -4.30 22.95
N TYR A 283 -29.56 -5.10 24.00
CA TYR A 283 -30.80 -5.84 24.25
C TYR A 283 -31.96 -4.88 24.53
N PHE A 284 -31.69 -3.82 25.30
CA PHE A 284 -32.74 -2.84 25.59
C PHE A 284 -33.20 -2.14 24.32
N VAL A 285 -32.26 -1.74 23.47
CA VAL A 285 -32.62 -1.07 22.22
C VAL A 285 -33.42 -2.00 21.32
N LEU A 286 -33.00 -3.26 21.22
CA LEU A 286 -33.72 -4.22 20.39
C LEU A 286 -35.12 -4.46 20.93
N PHE A 287 -35.27 -4.54 22.26
CA PHE A 287 -36.58 -4.74 22.84
C PHE A 287 -37.50 -3.55 22.58
N VAL A 288 -36.95 -2.34 22.72
CA VAL A 288 -37.75 -1.13 22.45
C VAL A 288 -38.17 -1.09 20.99
N LEU A 289 -37.24 -1.43 20.09
CA LEU A 289 -37.56 -1.43 18.66
C LEU A 289 -38.62 -2.48 18.33
N LEU A 290 -38.55 -3.65 18.97
CA LEU A 290 -39.56 -4.67 18.75
C LEU A 290 -40.93 -4.22 19.25
N VAL A 291 -40.97 -3.64 20.45
CA VAL A 291 -42.24 -3.17 21.01
C VAL A 291 -42.83 -2.07 20.14
N HIS A 292 -41.97 -1.22 19.56
CA HIS A 292 -42.47 -0.17 18.68
C HIS A 292 -42.96 -0.74 17.35
N GLY A 293 -42.24 -1.74 16.81
CA GLY A 293 -42.59 -2.26 15.49
C GLY A 293 -43.84 -3.11 15.52
N VAL A 294 -44.06 -3.85 16.60
CA VAL A 294 -45.26 -4.69 16.70
C VAL A 294 -46.54 -3.88 16.83
N THR A 295 -46.45 -2.57 17.01
CA THR A 295 -47.61 -1.69 17.10
C THR A 295 -47.60 -0.63 15.99
N LEU A 296 -47.04 -0.98 14.83
CA LEU A 296 -46.99 -0.06 13.70
C LEU A 296 -47.94 -0.51 12.59
N PRO A 297 -48.45 0.41 11.74
CA PRO A 297 -49.27 0.00 10.61
C PRO A 297 -48.40 -0.59 9.51
N GLY A 298 -48.74 -1.80 9.05
CA GLY A 298 -48.00 -2.44 7.96
C GLY A 298 -46.94 -3.38 8.49
N ALA A 299 -46.63 -3.28 9.78
CA ALA A 299 -45.56 -4.12 10.38
C ALA A 299 -45.95 -5.59 10.30
N SER A 300 -47.25 -5.89 10.43
CA SER A 300 -47.73 -7.29 10.37
C SER A 300 -47.34 -7.90 9.02
N ASN A 301 -47.46 -7.12 7.95
CA ASN A 301 -47.12 -7.62 6.58
C ASN A 301 -45.65 -8.06 6.56
N GLY A 302 -44.76 -7.28 7.19
CA GLY A 302 -43.33 -7.64 7.24
C GLY A 302 -43.13 -8.89 8.06
N ILE A 303 -43.88 -9.04 9.15
CA ILE A 303 -43.80 -10.26 9.99
C ILE A 303 -44.17 -11.48 9.13
N ASN A 304 -45.23 -11.36 8.34
CA ASN A 304 -45.68 -12.48 7.46
C ASN A 304 -44.60 -12.77 6.43
N ALA A 305 -43.92 -11.74 5.92
CA ALA A 305 -42.84 -11.92 4.91
C ALA A 305 -41.60 -12.52 5.56
N TYR A 306 -41.50 -12.46 6.89
CA TYR A 306 -40.31 -12.98 7.60
C TYR A 306 -40.55 -14.42 8.02
N LEU A 307 -41.83 -14.79 8.16
CA LEU A 307 -42.15 -16.16 8.64
C LEU A 307 -42.57 -17.04 7.45
N HIS A 308 -42.42 -16.52 6.24
CA HIS A 308 -42.74 -17.32 5.02
C HIS A 308 -41.43 -17.82 4.41
N ILE A 309 -41.19 -19.12 4.47
CA ILE A 309 -39.91 -19.69 3.95
C ILE A 309 -40.09 -20.04 2.46
N ASP A 310 -39.34 -19.36 1.58
CA ASP A 310 -39.40 -19.67 0.13
C ASP A 310 -38.33 -20.72 -0.16
N PHE A 311 -38.73 -21.97 -0.42
CA PHE A 311 -37.75 -23.07 -0.61
C PHE A 311 -37.01 -22.90 -1.94
N TYR A 312 -37.53 -22.06 -2.84
CA TYR A 312 -36.80 -21.79 -4.11
C TYR A 312 -35.48 -21.10 -3.77
N ARG A 313 -35.49 -20.24 -2.75
CA ARG A 313 -34.25 -19.56 -2.30
C ARG A 313 -33.28 -20.62 -1.76
N LEU A 314 -33.80 -21.62 -1.04
CA LEU A 314 -32.95 -22.70 -0.48
C LEU A 314 -32.29 -23.48 -1.63
N LYS A 315 -32.98 -23.59 -2.76
CA LYS A 315 -32.41 -24.30 -3.94
C LYS A 315 -31.20 -23.51 -4.47
N GLU A 316 -31.10 -22.23 -4.13
CA GLU A 316 -29.94 -21.45 -4.55
C GLU A 316 -28.77 -21.68 -3.59
N ALA A 317 -27.60 -21.23 -4.01
CA ALA A 317 -26.38 -21.40 -3.21
C ALA A 317 -25.98 -20.14 -2.47
N THR A 318 -26.43 -18.98 -2.92
CA THR A 318 -26.05 -17.72 -2.28
C THR A 318 -26.51 -17.64 -0.83
N VAL A 319 -27.68 -18.22 -0.54
CA VAL A 319 -28.24 -18.16 0.81
C VAL A 319 -27.33 -18.87 1.79
N TRP A 320 -26.84 -20.06 1.41
CA TRP A 320 -25.97 -20.82 2.30
C TRP A 320 -24.64 -20.10 2.53
N ILE A 321 -24.10 -19.48 1.47
CA ILE A 321 -22.85 -18.74 1.60
C ILE A 321 -23.03 -17.55 2.54
N ASP A 322 -24.14 -16.82 2.38
CA ASP A 322 -24.41 -15.68 3.25
C ASP A 322 -24.61 -16.13 4.69
N ALA A 323 -25.30 -17.25 4.89
CA ALA A 323 -25.50 -17.77 6.25
C ALA A 323 -24.18 -18.15 6.89
N ALA A 324 -23.31 -18.83 6.15
CA ALA A 324 -22.01 -19.22 6.69
C ALA A 324 -21.17 -18.00 7.02
N THR A 325 -21.14 -17.01 6.13
CA THR A 325 -20.36 -15.80 6.38
C THR A 325 -20.89 -15.04 7.60
N GLN A 326 -22.22 -14.96 7.74
CA GLN A 326 -22.78 -14.26 8.88
C GLN A 326 -22.52 -15.01 10.18
N ILE A 327 -22.58 -16.34 10.14
CA ILE A 327 -22.24 -17.14 11.31
C ILE A 327 -20.80 -16.89 11.74
N PHE A 328 -19.88 -16.88 10.77
CA PHE A 328 -18.47 -16.67 11.10
C PHE A 328 -18.21 -15.25 11.57
N PHE A 329 -18.98 -14.28 11.06
CA PHE A 329 -18.83 -12.90 11.52
C PHE A 329 -19.35 -12.74 12.94
N SER A 330 -20.52 -13.33 13.24
CA SER A 330 -21.12 -13.17 14.56
C SER A 330 -20.34 -13.92 15.62
N LEU A 331 -19.97 -15.17 15.35
CA LEU A 331 -19.23 -15.97 16.31
C LEU A 331 -17.76 -15.60 16.38
N GLY A 332 -17.21 -14.98 15.34
CA GLY A 332 -15.82 -14.59 15.32
C GLY A 332 -14.86 -15.64 14.83
N ALA A 333 -15.34 -16.77 14.34
CA ALA A 333 -14.47 -17.82 13.81
C ALA A 333 -13.97 -17.43 12.43
N GLY A 334 -12.67 -17.56 12.21
CA GLY A 334 -12.06 -17.19 10.96
C GLY A 334 -11.33 -15.86 10.94
N PHE A 335 -11.23 -15.19 12.09
CA PHE A 335 -10.51 -13.94 12.19
C PHE A 335 -9.35 -13.96 13.18
N GLY A 336 -9.25 -15.00 14.00
CA GLY A 336 -8.24 -15.06 15.04
C GLY A 336 -8.65 -14.42 16.35
N VAL A 337 -9.89 -13.98 16.48
CA VAL A 337 -10.33 -13.32 17.70
C VAL A 337 -10.60 -14.34 18.80
N LEU A 338 -11.16 -15.50 18.44
CA LEU A 338 -11.49 -16.51 19.44
C LEU A 338 -10.22 -17.07 20.09
N ILE A 339 -9.20 -17.35 19.28
CA ILE A 339 -7.95 -17.89 19.81
C ILE A 339 -7.25 -16.86 20.70
N ALA A 340 -7.22 -15.60 20.26
CA ALA A 340 -6.60 -14.55 21.05
C ALA A 340 -7.35 -14.34 22.37
N PHE A 341 -8.68 -14.47 22.34
CA PHE A 341 -9.47 -14.32 23.55
C PHE A 341 -9.22 -15.47 24.51
N ALA A 342 -9.19 -16.69 24.00
CA ALA A 342 -8.97 -17.86 24.84
C ALA A 342 -7.53 -17.94 25.34
N SER A 343 -6.59 -17.26 24.67
CA SER A 343 -5.21 -17.26 25.13
C SER A 343 -5.04 -16.57 26.48
N TYR A 344 -5.98 -15.70 26.87
CA TYR A 344 -5.92 -15.00 28.15
C TYR A 344 -6.96 -15.52 29.14
N ASN A 345 -7.55 -16.68 28.87
CA ASN A 345 -8.52 -17.27 29.77
C ASN A 345 -7.82 -18.18 30.79
N LYS A 346 -8.61 -18.67 31.74
CA LYS A 346 -8.09 -19.60 32.74
C LYS A 346 -8.04 -21.01 32.18
N PHE A 347 -7.20 -21.85 32.80
CA PHE A 347 -7.04 -23.23 32.34
C PHE A 347 -8.26 -24.09 32.64
N ASP A 348 -9.14 -23.67 33.55
CA ASP A 348 -10.34 -24.41 33.88
C ASP A 348 -11.61 -23.77 33.32
N ASN A 349 -11.49 -22.78 32.43
CA ASN A 349 -12.65 -22.16 31.83
C ASN A 349 -13.40 -23.16 30.95
N ASN A 350 -14.70 -23.29 31.19
CA ASN A 350 -15.53 -24.25 30.47
C ASN A 350 -15.95 -23.65 29.13
N CYS A 351 -15.21 -24.01 28.08
CA CYS A 351 -15.54 -23.49 26.75
C CYS A 351 -16.82 -24.11 26.21
N TYR A 352 -17.23 -25.27 26.74
CA TYR A 352 -18.44 -25.92 26.28
C TYR A 352 -19.68 -25.08 26.62
N ARG A 353 -19.81 -24.71 27.89
CA ARG A 353 -20.92 -23.86 28.31
C ARG A 353 -20.88 -22.52 27.60
N ASP A 354 -19.68 -21.94 27.47
CA ASP A 354 -19.54 -20.66 26.78
C ASP A 354 -20.03 -20.76 25.35
N ALA A 355 -19.63 -21.82 24.64
CA ALA A 355 -20.05 -21.99 23.25
C ALA A 355 -21.56 -22.18 23.15
N LEU A 356 -22.13 -23.01 24.03
CA LEU A 356 -23.57 -23.24 24.02
C LEU A 356 -24.32 -21.93 24.23
N LEU A 357 -23.94 -21.18 25.26
CA LEU A 357 -24.63 -19.92 25.57
C LEU A 357 -24.46 -18.92 24.45
N THR A 358 -23.24 -18.82 23.90
CA THR A 358 -23.00 -17.88 22.80
C THR A 358 -23.86 -18.21 21.60
N SER A 359 -23.90 -19.49 21.21
CA SER A 359 -24.70 -19.89 20.05
C SER A 359 -26.19 -19.62 20.29
N SER A 360 -26.69 -19.98 21.47
CA SER A 360 -28.12 -19.78 21.75
C SER A 360 -28.48 -18.30 21.74
N ILE A 361 -27.71 -17.48 22.46
CA ILE A 361 -28.01 -16.05 22.53
C ILE A 361 -27.86 -15.40 21.16
N ASN A 362 -26.88 -15.83 20.37
CA ASN A 362 -26.69 -15.26 19.04
C ASN A 362 -27.86 -15.61 18.13
N CYS A 363 -28.34 -16.85 18.22
CA CYS A 363 -29.50 -17.25 17.41
C CYS A 363 -30.73 -16.45 17.81
N ILE A 364 -30.97 -16.31 19.12
CA ILE A 364 -32.15 -15.56 19.57
C ILE A 364 -32.05 -14.10 19.14
N THR A 365 -30.85 -13.52 19.27
CA THR A 365 -30.67 -12.11 18.89
C THR A 365 -30.86 -11.91 17.40
N SER A 366 -30.33 -12.84 16.59
CA SER A 366 -30.52 -12.74 15.15
C SER A 366 -32.00 -12.87 14.78
N PHE A 367 -32.71 -13.79 15.43
CA PHE A 367 -34.13 -13.96 15.15
C PHE A 367 -34.92 -12.69 15.47
N VAL A 368 -34.70 -12.13 16.67
CA VAL A 368 -35.46 -10.94 17.07
C VAL A 368 -35.05 -9.74 16.23
N SER A 369 -33.78 -9.66 15.82
CA SER A 369 -33.34 -8.56 14.98
C SER A 369 -33.97 -8.63 13.60
N GLY A 370 -34.01 -9.83 13.02
CA GLY A 370 -34.70 -9.98 11.74
C GLY A 370 -36.18 -9.69 11.83
N PHE A 371 -36.81 -10.10 12.93
CA PHE A 371 -38.23 -9.81 13.14
C PHE A 371 -38.46 -8.30 13.20
N ALA A 372 -37.64 -7.58 13.97
CA ALA A 372 -37.79 -6.13 14.06
C ALA A 372 -37.52 -5.46 12.72
N ILE A 373 -36.51 -5.95 12.00
CA ILE A 373 -36.16 -5.37 10.71
C ILE A 373 -37.32 -5.53 9.73
N PHE A 374 -37.93 -6.72 9.69
CA PHE A 374 -39.05 -6.93 8.80
C PHE A 374 -40.29 -6.16 9.24
N SER A 375 -40.48 -5.96 10.54
CA SER A 375 -41.57 -5.11 11.00
C SER A 375 -41.39 -3.68 10.52
N ILE A 376 -40.17 -3.15 10.65
CA ILE A 376 -39.90 -1.80 10.18
C ILE A 376 -40.04 -1.71 8.67
N LEU A 377 -39.63 -2.76 7.95
CA LEU A 377 -39.79 -2.78 6.50
C LEU A 377 -41.25 -2.75 6.11
N GLY A 378 -42.08 -3.53 6.80
CA GLY A 378 -43.51 -3.50 6.51
C GLY A 378 -44.14 -2.15 6.83
N TYR A 379 -43.72 -1.54 7.93
CA TYR A 379 -44.21 -0.20 8.28
C TYR A 379 -43.84 0.81 7.19
N MET A 380 -42.59 0.77 6.72
CA MET A 380 -42.17 1.70 5.68
C MET A 380 -42.88 1.44 4.37
N ALA A 381 -43.13 0.16 4.05
CA ALA A 381 -43.86 -0.19 2.84
C ALA A 381 -45.30 0.31 2.90
N HIS A 382 -45.92 0.23 4.07
CA HIS A 382 -47.28 0.73 4.23
C HIS A 382 -47.31 2.25 4.15
N GLU A 383 -46.31 2.93 4.74
CA GLU A 383 -46.29 4.38 4.72
C GLU A 383 -45.97 4.92 3.32
N HIS A 384 -45.20 4.17 2.54
CA HIS A 384 -44.77 4.61 1.22
C HIS A 384 -45.56 3.98 0.08
N LYS A 385 -46.41 2.98 0.39
CA LYS A 385 -47.23 2.31 -0.62
C LYS A 385 -46.38 1.62 -1.69
N VAL A 386 -45.29 0.99 -1.25
CA VAL A 386 -44.40 0.24 -2.13
C VAL A 386 -44.31 -1.19 -1.61
N ASN A 387 -43.75 -2.06 -2.43
CA ASN A 387 -43.56 -3.46 -2.04
C ASN A 387 -42.42 -3.58 -1.05
N ILE A 388 -42.51 -4.59 -0.19
CA ILE A 388 -41.49 -4.81 0.83
C ILE A 388 -40.15 -5.13 0.21
N GLU A 389 -40.15 -5.86 -0.92
CA GLU A 389 -38.90 -6.23 -1.57
C GLU A 389 -38.23 -5.05 -2.26
N ASP A 390 -38.94 -3.94 -2.46
CA ASP A 390 -38.40 -2.78 -3.14
C ASP A 390 -38.54 -1.49 -2.34
N VAL A 391 -38.94 -1.56 -1.07
CA VAL A 391 -39.10 -0.35 -0.28
C VAL A 391 -37.76 0.19 0.20
N ALA A 392 -36.78 -0.69 0.43
CA ALA A 392 -35.49 -0.28 0.96
C ALA A 392 -34.39 -0.97 0.17
N THR A 393 -33.15 -0.61 0.49
CA THR A 393 -31.99 -1.15 -0.20
C THR A 393 -31.56 -2.48 0.39
N GLU A 394 -30.59 -3.12 -0.27
CA GLU A 394 -30.03 -4.38 0.16
C GLU A 394 -28.51 -4.27 0.34
N GLY A 395 -28.05 -3.12 0.82
CA GLY A 395 -26.63 -2.89 1.02
C GLY A 395 -26.23 -2.78 2.46
N ALA A 396 -25.00 -2.33 2.71
CA ALA A 396 -24.51 -2.19 4.08
C ALA A 396 -25.16 -1.03 4.83
N GLY A 397 -25.92 -0.19 4.14
CA GLY A 397 -26.61 0.92 4.76
C GLY A 397 -28.09 0.71 5.02
N LEU A 398 -28.54 -0.54 5.19
CA LEU A 398 -29.96 -0.79 5.38
C LEU A 398 -30.42 -0.34 6.77
N VAL A 399 -29.63 -0.64 7.81
CA VAL A 399 -30.02 -0.28 9.16
C VAL A 399 -30.09 1.22 9.35
N PHE A 400 -29.17 1.98 8.74
CA PHE A 400 -29.15 3.43 8.83
C PHE A 400 -30.31 4.09 8.10
N ILE A 401 -31.21 3.30 7.51
CA ILE A 401 -32.42 3.80 6.87
C ILE A 401 -33.67 3.31 7.59
N LEU A 402 -33.66 2.04 8.03
CA LEU A 402 -34.81 1.49 8.74
C LEU A 402 -34.88 2.01 10.17
N TYR A 403 -33.78 1.95 10.90
CA TYR A 403 -33.80 2.31 12.31
C TYR A 403 -34.05 3.80 12.56
N PRO A 404 -33.44 4.74 11.82
CA PRO A 404 -33.76 6.16 12.06
C PRO A 404 -35.22 6.51 11.85
N GLU A 405 -35.85 5.97 10.80
CA GLU A 405 -37.26 6.25 10.57
C GLU A 405 -38.14 5.64 11.66
N ALA A 406 -37.73 4.48 12.18
CA ALA A 406 -38.47 3.87 13.29
C ALA A 406 -38.34 4.71 14.55
N ILE A 407 -37.16 5.25 14.80
CA ILE A 407 -36.96 6.12 15.98
C ILE A 407 -37.75 7.41 15.82
N SER A 408 -37.83 7.93 14.60
CA SER A 408 -38.54 9.17 14.36
C SER A 408 -40.02 9.07 14.72
N THR A 409 -40.60 7.86 14.63
CA THR A 409 -42.00 7.66 14.98
C THR A 409 -42.22 7.62 16.48
N LEU A 410 -41.23 7.18 17.25
CA LEU A 410 -41.36 7.10 18.70
C LEU A 410 -41.40 8.50 19.31
N SER A 411 -42.06 8.62 20.46
CA SER A 411 -42.10 9.87 21.18
C SER A 411 -40.71 10.20 21.73
N GLY A 412 -40.29 11.45 21.56
CA GLY A 412 -38.96 11.84 21.94
C GLY A 412 -37.91 11.19 21.06
N SER A 413 -37.97 11.48 19.76
CA SER A 413 -37.10 10.81 18.80
C SER A 413 -35.64 11.16 19.06
N THR A 414 -35.37 12.35 19.59
CA THR A 414 -33.99 12.78 19.83
C THR A 414 -33.29 11.88 20.84
N PHE A 415 -33.93 11.64 21.99
CA PHE A 415 -33.30 10.84 23.04
C PHE A 415 -33.06 9.41 22.56
N TRP A 416 -34.08 8.80 21.93
CA TRP A 416 -33.93 7.43 21.47
C TRP A 416 -32.87 7.32 20.37
N ALA A 417 -32.81 8.32 19.48
CA ALA A 417 -31.79 8.31 18.44
C ALA A 417 -30.39 8.44 19.04
N VAL A 418 -30.24 9.31 20.04
CA VAL A 418 -28.94 9.46 20.70
C VAL A 418 -28.53 8.15 21.37
N VAL A 419 -29.46 7.51 22.07
CA VAL A 419 -29.16 6.25 22.76
C VAL A 419 -28.78 5.18 21.75
N PHE A 420 -29.53 5.08 20.64
CA PHE A 420 -29.26 4.06 19.64
C PHE A 420 -27.90 4.28 18.98
N PHE A 421 -27.56 5.54 18.67
CA PHE A 421 -26.26 5.83 18.08
C PHE A 421 -25.11 5.60 19.05
N VAL A 422 -25.30 5.90 20.34
CA VAL A 422 -24.27 5.60 21.32
C VAL A 422 -24.08 4.09 21.44
N MET A 423 -25.19 3.37 21.34
CA MET A 423 -25.16 1.88 21.44
C MET A 423 -24.42 1.28 20.24
N LEU A 424 -24.82 1.62 19.02
CA LEU A 424 -24.18 0.96 17.84
C LEU A 424 -22.75 1.49 17.66
N LEU A 425 -22.47 2.70 18.17
CA LEU A 425 -21.06 3.21 18.12
C LEU A 425 -20.22 2.39 19.11
N ALA A 426 -20.77 2.13 20.30
CA ALA A 426 -20.04 1.32 21.31
C ALA A 426 -19.86 -0.11 20.80
N LEU A 427 -20.92 -0.70 20.23
CA LEU A 427 -20.83 -2.07 19.69
C LEU A 427 -19.75 -2.12 18.60
N GLY A 428 -19.73 -1.12 17.71
CA GLY A 428 -18.71 -1.07 16.66
C GLY A 428 -17.32 -0.98 17.25
N LEU A 429 -17.14 -0.12 18.26
CA LEU A 429 -15.79 0.08 18.86
C LEU A 429 -15.32 -1.23 19.51
N ASP A 430 -16.19 -1.90 20.26
CA ASP A 430 -15.83 -3.19 20.92
C ASP A 430 -15.48 -4.22 19.84
N SER A 431 -16.28 -4.29 18.78
CA SER A 431 -16.04 -5.26 17.68
C SER A 431 -14.68 -5.00 17.02
N SER A 432 -14.37 -3.73 16.73
CA SER A 432 -13.08 -3.38 16.08
C SER A 432 -11.91 -3.58 17.07
N MET A 433 -12.09 -3.18 18.33
CA MET A 433 -11.05 -3.41 19.35
C MET A 433 -10.69 -4.90 19.34
N GLY A 434 -11.66 -5.77 19.60
CA GLY A 434 -11.43 -7.19 19.56
C GLY A 434 -10.59 -7.62 18.38
N GLY A 435 -10.95 -7.12 17.18
CA GLY A 435 -10.20 -7.49 15.99
C GLY A 435 -8.76 -7.02 16.03
N MET A 436 -8.55 -5.75 16.39
CA MET A 436 -7.20 -5.21 16.46
C MET A 436 -6.38 -5.92 17.53
N GLU A 437 -7.00 -6.27 18.66
CA GLU A 437 -6.29 -6.98 19.72
C GLU A 437 -5.91 -8.38 19.26
N ALA A 438 -6.79 -9.05 18.51
CA ALA A 438 -6.46 -10.35 17.97
C ALA A 438 -5.26 -10.26 17.02
N VAL A 439 -5.29 -9.28 16.11
CA VAL A 439 -4.19 -9.11 15.16
C VAL A 439 -2.88 -8.83 15.90
N ILE A 440 -2.92 -7.91 16.87
CA ILE A 440 -1.71 -7.52 17.58
C ILE A 440 -1.18 -8.69 18.41
N THR A 441 -2.08 -9.45 19.04
CA THR A 441 -1.66 -10.61 19.83
C THR A 441 -1.00 -11.66 18.96
N GLY A 442 -1.60 -11.93 17.79
CA GLY A 442 -0.98 -12.89 16.88
C GLY A 442 0.39 -12.44 16.42
N LEU A 443 0.50 -11.19 15.99
CA LEU A 443 1.78 -10.71 15.46
C LEU A 443 2.83 -10.56 16.55
N ALA A 444 2.39 -10.37 17.81
CA ALA A 444 3.33 -10.27 18.92
C ALA A 444 3.79 -11.64 19.39
N ASP A 445 2.90 -12.64 19.36
CA ASP A 445 3.33 -14.01 19.62
C ASP A 445 4.24 -14.51 18.52
N ASP A 446 4.07 -13.99 17.29
CA ASP A 446 4.99 -14.33 16.22
C ASP A 446 6.32 -13.59 16.38
N PHE A 447 6.26 -12.28 16.64
CA PHE A 447 7.45 -11.45 16.81
C PHE A 447 7.44 -10.87 18.22
N GLN A 448 8.34 -11.36 19.07
CA GLN A 448 8.38 -10.93 20.47
C GLN A 448 8.78 -9.47 20.62
N VAL A 449 9.33 -8.86 19.57
CA VAL A 449 9.68 -7.44 19.65
C VAL A 449 8.42 -6.60 19.82
N LEU A 450 7.30 -7.05 19.25
CA LEU A 450 6.04 -6.34 19.43
C LEU A 450 5.55 -6.39 20.87
N LYS A 451 5.85 -7.48 21.60
CA LYS A 451 5.44 -7.56 23.00
C LYS A 451 6.05 -6.43 23.82
N ARG A 452 7.16 -5.86 23.34
CA ARG A 452 7.78 -4.72 24.00
C ARG A 452 7.44 -3.39 23.33
N HIS A 453 7.19 -3.39 22.03
CA HIS A 453 6.93 -2.15 21.28
C HIS A 453 5.44 -1.99 21.00
N ARG A 454 4.61 -2.63 21.83
CA ARG A 454 3.15 -2.56 21.72
C ARG A 454 2.65 -1.19 21.29
N LYS A 455 3.15 -0.12 21.92
CA LYS A 455 2.64 1.22 21.64
C LYS A 455 2.87 1.60 20.17
N LEU A 456 4.12 1.53 19.72
CA LEU A 456 4.44 1.91 18.35
C LEU A 456 3.78 0.97 17.35
N PHE A 457 3.68 -0.32 17.70
CA PHE A 457 3.06 -1.28 16.79
C PHE A 457 1.58 -0.99 16.61
N THR A 458 0.87 -0.72 17.71
CA THR A 458 -0.53 -0.35 17.63
C THR A 458 -0.72 0.95 16.87
N PHE A 459 0.18 1.92 17.10
CA PHE A 459 0.11 3.17 16.35
C PHE A 459 0.25 2.93 14.86
N GLY A 460 1.23 2.12 14.45
CA GLY A 460 1.41 1.82 13.04
C GLY A 460 0.24 1.07 12.44
N VAL A 461 -0.30 0.11 13.18
CA VAL A 461 -1.44 -0.66 12.70
C VAL A 461 -2.65 0.25 12.49
N THR A 462 -2.93 1.12 13.47
CA THR A 462 -4.06 2.04 13.34
C THR A 462 -3.83 3.03 12.20
N PHE A 463 -2.60 3.49 12.01
CA PHE A 463 -2.32 4.43 10.93
C PHE A 463 -2.51 3.77 9.57
N SER A 464 -2.03 2.53 9.42
CA SER A 464 -2.22 1.82 8.17
C SER A 464 -3.69 1.53 7.91
N THR A 465 -4.43 1.17 8.96
CA THR A 465 -5.87 0.93 8.80
C THR A 465 -6.58 2.21 8.38
N PHE A 466 -6.21 3.34 8.97
CA PHE A 466 -6.80 4.62 8.58
C PHE A 466 -6.49 4.95 7.13
N LEU A 467 -5.23 4.77 6.72
CA LEU A 467 -4.83 5.06 5.35
C LEU A 467 -5.60 4.20 4.35
N LEU A 468 -5.73 2.90 4.63
CA LEU A 468 -6.41 2.01 3.70
C LEU A 468 -7.93 2.09 3.81
N ALA A 469 -8.45 2.70 4.88
CA ALA A 469 -9.89 2.95 4.99
C ALA A 469 -10.28 4.30 4.42
N LEU A 470 -9.31 5.17 4.13
CA LEU A 470 -9.63 6.46 3.49
C LEU A 470 -10.40 6.18 2.19
N PHE A 471 -10.27 4.97 1.65
CA PHE A 471 -10.95 4.61 0.37
C PHE A 471 -12.45 4.48 0.57
N CYS A 472 -12.87 3.99 1.74
CA CYS A 472 -14.32 3.73 1.97
C CYS A 472 -15.04 5.00 2.46
N ILE A 473 -14.29 6.03 2.85
CA ILE A 473 -14.93 7.32 3.27
C ILE A 473 -14.95 8.28 2.08
N THR A 474 -14.69 7.77 0.87
CA THR A 474 -14.74 8.61 -0.35
C THR A 474 -16.17 8.70 -0.81
N LYS A 475 -16.44 9.51 -1.85
CA LYS A 475 -17.83 9.69 -2.35
C LYS A 475 -18.39 8.34 -2.83
N GLY A 476 -17.57 7.53 -3.50
CA GLY A 476 -18.00 6.19 -3.94
C GLY A 476 -17.38 5.12 -3.08
N GLY A 477 -17.20 5.41 -1.79
CA GLY A 477 -16.57 4.47 -0.88
C GLY A 477 -17.45 3.31 -0.47
N ILE A 478 -18.77 3.45 -0.61
CA ILE A 478 -19.66 2.34 -0.28
C ILE A 478 -19.44 1.17 -1.22
N TYR A 479 -19.04 1.45 -2.47
CA TYR A 479 -18.74 0.37 -3.41
C TYR A 479 -17.54 -0.43 -2.96
N VAL A 480 -16.47 0.26 -2.55
CA VAL A 480 -15.27 -0.43 -2.05
C VAL A 480 -15.59 -1.17 -0.76
N LEU A 481 -16.45 -0.59 0.07
CA LEU A 481 -16.84 -1.25 1.31
C LEU A 481 -17.60 -2.54 1.04
N THR A 482 -18.52 -2.52 0.07
CA THR A 482 -19.23 -3.73 -0.31
C THR A 482 -18.29 -4.75 -0.92
N LEU A 483 -17.35 -4.29 -1.74
CA LEU A 483 -16.35 -5.19 -2.33
C LEU A 483 -15.55 -5.91 -1.25
N LEU A 484 -15.12 -5.15 -0.23
CA LEU A 484 -14.37 -5.77 0.87
C LEU A 484 -15.24 -6.72 1.68
N ASP A 485 -16.46 -6.30 2.01
CA ASP A 485 -17.36 -7.15 2.80
C ASP A 485 -17.79 -8.40 2.04
N THR A 486 -17.67 -8.42 0.72
CA THR A 486 -18.05 -9.58 -0.08
C THR A 486 -16.88 -10.48 -0.45
N PHE A 487 -15.69 -9.92 -0.69
CA PHE A 487 -14.56 -10.72 -1.15
C PHE A 487 -13.45 -10.89 -0.12
N ALA A 488 -13.17 -9.88 0.70
CA ALA A 488 -12.08 -10.00 1.66
C ALA A 488 -12.42 -11.00 2.76
N ALA A 489 -13.70 -11.13 3.10
CA ALA A 489 -14.17 -12.07 4.13
C ALA A 489 -15.29 -12.92 3.54
N GLY A 490 -15.07 -13.39 2.31
CA GLY A 490 -16.04 -14.23 1.64
C GLY A 490 -15.62 -15.68 1.59
N THR A 491 -15.10 -16.11 0.44
CA THR A 491 -14.60 -17.48 0.32
C THR A 491 -13.26 -17.64 1.03
N SER A 492 -12.56 -16.53 1.28
CA SER A 492 -11.26 -16.60 1.95
C SER A 492 -11.38 -17.13 3.36
N ILE A 493 -12.34 -16.60 4.14
CA ILE A 493 -12.52 -17.06 5.51
C ILE A 493 -13.04 -18.50 5.54
N LEU A 494 -13.86 -18.88 4.54
CA LEU A 494 -14.32 -20.26 4.45
C LEU A 494 -13.15 -21.20 4.23
N PHE A 495 -12.25 -20.86 3.29
CA PHE A 495 -11.07 -21.69 3.06
C PHE A 495 -10.18 -21.72 4.30
N ALA A 496 -10.08 -20.59 5.01
CA ALA A 496 -9.25 -20.53 6.21
C ALA A 496 -9.77 -21.47 7.29
N VAL A 497 -11.09 -21.42 7.55
CA VAL A 497 -11.64 -22.28 8.59
C VAL A 497 -11.64 -23.73 8.14
N LEU A 498 -11.76 -24.00 6.84
CA LEU A 498 -11.64 -25.37 6.35
C LEU A 498 -10.24 -25.90 6.59
N MET A 499 -9.21 -25.11 6.28
CA MET A 499 -7.83 -25.52 6.55
C MET A 499 -7.60 -25.70 8.05
N GLU A 500 -8.21 -24.85 8.88
CA GLU A 500 -8.08 -25.01 10.32
C GLU A 500 -8.67 -26.34 10.78
N ALA A 501 -9.89 -26.66 10.31
CA ALA A 501 -10.53 -27.91 10.69
C ALA A 501 -9.73 -29.11 10.20
N ILE A 502 -9.17 -29.02 9.00
CA ILE A 502 -8.37 -30.13 8.46
C ILE A 502 -7.09 -30.31 9.28
N GLY A 503 -6.46 -29.20 9.67
CA GLY A 503 -5.21 -29.29 10.42
C GLY A 503 -5.41 -29.74 11.86
N VAL A 504 -6.58 -29.45 12.44
CA VAL A 504 -6.86 -29.82 13.82
C VAL A 504 -7.39 -31.25 13.91
N SER A 505 -8.34 -31.63 13.04
CA SER A 505 -9.00 -32.92 13.19
C SER A 505 -8.24 -34.04 12.49
N TRP A 506 -7.55 -33.75 11.39
CA TRP A 506 -6.87 -34.77 10.60
C TRP A 506 -5.36 -34.80 10.84
N PHE A 507 -4.68 -33.66 10.69
CA PHE A 507 -3.24 -33.63 10.89
C PHE A 507 -2.88 -33.73 12.36
N TYR A 508 -3.49 -32.88 13.20
CA TYR A 508 -3.22 -32.96 14.63
C TYR A 508 -3.93 -34.15 15.26
N GLY A 509 -5.15 -34.46 14.82
CA GLY A 509 -5.88 -35.60 15.32
C GLY A 509 -6.93 -35.22 16.36
N VAL A 510 -8.12 -35.82 16.24
CA VAL A 510 -9.20 -35.56 17.19
C VAL A 510 -8.93 -36.17 18.56
N ASP A 511 -8.11 -37.22 18.64
CA ASP A 511 -7.83 -37.84 19.92
C ASP A 511 -6.99 -36.94 20.82
N ARG A 512 -5.94 -36.32 20.27
CA ARG A 512 -5.13 -35.41 21.06
C ARG A 512 -5.93 -34.19 21.49
N PHE A 513 -6.79 -33.69 20.61
CA PHE A 513 -7.64 -32.54 20.96
C PHE A 513 -8.62 -32.91 22.07
N SER A 514 -9.20 -34.11 21.99
CA SER A 514 -10.11 -34.56 23.04
C SER A 514 -9.38 -34.76 24.36
N ASN A 515 -8.14 -35.25 24.31
CA ASN A 515 -7.37 -35.41 25.53
C ASN A 515 -7.02 -34.05 26.14
N ASP A 516 -6.71 -33.06 25.30
CA ASP A 516 -6.46 -31.72 25.80
C ASP A 516 -7.71 -31.13 26.45
N ILE A 517 -8.87 -31.33 25.81
CA ILE A 517 -10.11 -30.85 26.38
C ILE A 517 -10.40 -31.54 27.70
N GLN A 518 -10.11 -32.84 27.79
CA GLN A 518 -10.33 -33.57 29.04
C GLN A 518 -9.41 -33.09 30.14
N GLN A 519 -8.15 -32.80 29.83
CA GLN A 519 -7.21 -32.32 30.82
C GLN A 519 -7.42 -30.85 31.18
N MET A 520 -8.14 -30.09 30.35
CA MET A 520 -8.46 -28.71 30.67
C MET A 520 -9.76 -28.57 31.45
N MET A 521 -10.86 -29.11 30.94
CA MET A 521 -12.18 -28.91 31.53
C MET A 521 -12.69 -30.11 32.29
N GLY A 522 -12.01 -31.25 32.23
CA GLY A 522 -12.40 -32.40 33.03
C GLY A 522 -13.35 -33.36 32.35
N PHE A 523 -13.53 -33.26 31.04
CA PHE A 523 -14.41 -34.18 30.32
C PHE A 523 -14.03 -34.19 28.85
N ARG A 524 -14.29 -35.33 28.20
CA ARG A 524 -14.03 -35.51 26.77
C ARG A 524 -15.26 -35.10 25.97
N PRO A 525 -15.09 -34.53 24.78
CA PRO A 525 -16.25 -34.21 23.94
C PRO A 525 -16.99 -35.46 23.51
N GLY A 526 -18.30 -35.32 23.30
CA GLY A 526 -19.11 -36.43 22.85
C GLY A 526 -18.83 -36.82 21.43
N LEU A 527 -19.53 -37.87 20.97
CA LEU A 527 -19.38 -38.34 19.60
C LEU A 527 -19.81 -37.27 18.60
N TYR A 528 -20.85 -36.49 18.95
CA TYR A 528 -21.35 -35.47 18.05
C TYR A 528 -20.28 -34.42 17.74
N TRP A 529 -19.61 -33.91 18.77
CA TRP A 529 -18.63 -32.86 18.57
C TRP A 529 -17.45 -33.36 17.75
N ARG A 530 -16.98 -34.57 18.01
CA ARG A 530 -15.84 -35.10 17.27
C ARG A 530 -16.22 -35.39 15.82
N LEU A 531 -17.42 -35.94 15.60
CA LEU A 531 -17.86 -36.21 14.24
C LEU A 531 -18.05 -34.91 13.46
N CYS A 532 -18.48 -33.84 14.13
CA CYS A 532 -18.60 -32.55 13.48
C CYS A 532 -17.23 -31.98 13.15
N TRP A 533 -16.31 -32.01 14.11
CA TRP A 533 -14.97 -31.45 13.89
C TRP A 533 -14.22 -32.20 12.80
N LYS A 534 -14.47 -33.52 12.67
CA LYS A 534 -13.70 -34.31 11.73
C LYS A 534 -14.41 -34.51 10.39
N PHE A 535 -15.72 -34.74 10.40
CA PHE A 535 -16.44 -35.10 9.18
C PHE A 535 -17.45 -34.03 8.76
N VAL A 536 -18.37 -33.63 9.64
CA VAL A 536 -19.50 -32.79 9.24
C VAL A 536 -19.02 -31.40 8.83
N SER A 537 -18.36 -30.70 9.75
CA SER A 537 -17.94 -29.33 9.47
C SER A 537 -16.96 -29.22 8.31
N PRO A 538 -15.91 -30.05 8.22
CA PRO A 538 -15.03 -29.94 7.04
C PRO A 538 -15.75 -30.20 5.73
N ALA A 539 -16.65 -31.17 5.70
CA ALA A 539 -17.40 -31.47 4.47
C ALA A 539 -18.28 -30.30 4.09
N PHE A 540 -18.99 -29.71 5.06
CA PHE A 540 -19.85 -28.57 4.75
C PHE A 540 -19.04 -27.35 4.34
N LEU A 541 -17.86 -27.16 4.92
CA LEU A 541 -17.01 -26.05 4.52
C LEU A 541 -16.50 -26.24 3.10
N LEU A 542 -16.08 -27.46 2.76
CA LEU A 542 -15.69 -27.75 1.39
C LEU A 542 -16.85 -27.51 0.43
N PHE A 543 -18.06 -27.92 0.83
CA PHE A 543 -19.22 -27.74 -0.03
C PHE A 543 -19.51 -26.26 -0.27
N VAL A 544 -19.46 -25.44 0.79
CA VAL A 544 -19.76 -24.03 0.61
C VAL A 544 -18.66 -23.34 -0.19
N VAL A 545 -17.40 -23.79 -0.02
CA VAL A 545 -16.32 -23.24 -0.85
C VAL A 545 -16.55 -23.58 -2.32
N VAL A 546 -16.98 -24.82 -2.59
CA VAL A 546 -17.21 -25.23 -3.96
C VAL A 546 -18.35 -24.44 -4.58
N VAL A 547 -19.45 -24.26 -3.84
CA VAL A 547 -20.59 -23.53 -4.39
C VAL A 547 -20.29 -22.04 -4.48
N SER A 548 -19.32 -21.56 -3.71
CA SER A 548 -18.92 -20.16 -3.83
C SER A 548 -18.03 -19.95 -5.05
N ILE A 549 -17.11 -20.87 -5.32
CA ILE A 549 -16.18 -20.72 -6.43
C ILE A 549 -16.87 -21.00 -7.76
N ILE A 550 -17.61 -22.11 -7.84
CA ILE A 550 -18.22 -22.51 -9.11
C ILE A 550 -19.41 -21.63 -9.43
N ASN A 551 -20.29 -21.40 -8.45
CA ASN A 551 -21.53 -20.64 -8.64
C ASN A 551 -21.37 -19.19 -8.20
N PHE A 552 -20.20 -18.60 -8.41
CA PHE A 552 -20.00 -17.20 -8.05
C PHE A 552 -20.87 -16.30 -8.91
N LYS A 553 -21.52 -15.33 -8.24
CA LYS A 553 -22.37 -14.36 -8.91
C LYS A 553 -21.65 -13.02 -8.97
N PRO A 554 -21.80 -12.26 -10.04
CA PRO A 554 -21.14 -10.95 -10.12
C PRO A 554 -21.68 -9.99 -9.06
N LEU A 555 -20.76 -9.33 -8.35
CA LEU A 555 -21.14 -8.40 -7.30
C LEU A 555 -21.88 -7.20 -7.88
N THR A 556 -23.01 -6.87 -7.26
CA THR A 556 -23.85 -5.76 -7.71
C THR A 556 -24.34 -5.00 -6.50
N TYR A 557 -24.50 -3.69 -6.65
CA TYR A 557 -25.07 -2.82 -5.63
C TYR A 557 -26.58 -2.82 -5.80
N ASP A 558 -27.26 -1.89 -5.13
CA ASP A 558 -28.71 -1.73 -5.24
C ASP A 558 -29.05 -1.56 -6.72
N ASP A 559 -28.50 -0.57 -7.42
CA ASP A 559 -28.75 -0.43 -8.84
C ASP A 559 -27.45 -0.39 -9.65
N TYR A 560 -26.32 -0.10 -9.00
CA TYR A 560 -25.04 -0.04 -9.68
C TYR A 560 -24.47 -1.44 -9.84
N ILE A 561 -24.02 -1.77 -11.05
CA ILE A 561 -23.41 -3.05 -11.37
C ILE A 561 -21.90 -2.86 -11.42
N PHE A 562 -21.17 -3.68 -10.67
CA PHE A 562 -19.72 -3.58 -10.66
C PHE A 562 -19.14 -4.12 -11.96
N PRO A 563 -18.13 -3.46 -12.51
CA PRO A 563 -17.51 -3.95 -13.73
C PRO A 563 -16.75 -5.23 -13.47
N PRO A 564 -16.41 -5.99 -14.52
CA PRO A 564 -15.67 -7.24 -14.31
C PRO A 564 -14.32 -7.05 -13.63
N TRP A 565 -13.63 -5.94 -13.90
CA TRP A 565 -12.34 -5.72 -13.27
C TRP A 565 -12.48 -5.53 -11.76
N ALA A 566 -13.61 -4.99 -11.31
CA ALA A 566 -13.85 -4.92 -9.87
C ALA A 566 -13.96 -6.31 -9.25
N ASN A 567 -14.65 -7.22 -9.94
CA ASN A 567 -14.74 -8.59 -9.46
C ASN A 567 -13.38 -9.27 -9.48
N TRP A 568 -12.56 -8.97 -10.50
CA TRP A 568 -11.21 -9.53 -10.54
C TRP A 568 -10.35 -9.01 -9.39
N VAL A 569 -10.48 -7.71 -9.06
CA VAL A 569 -9.75 -7.15 -7.94
C VAL A 569 -10.21 -7.78 -6.62
N GLY A 570 -11.52 -8.00 -6.49
CA GLY A 570 -12.03 -8.67 -5.30
C GLY A 570 -11.50 -10.08 -5.15
N TRP A 571 -11.51 -10.84 -6.26
CA TRP A 571 -10.97 -12.19 -6.24
C TRP A 571 -9.47 -12.18 -5.94
N GLY A 572 -8.73 -11.18 -6.43
CA GLY A 572 -7.33 -11.08 -6.11
C GLY A 572 -7.09 -10.77 -4.64
N ILE A 573 -7.93 -9.91 -4.07
CA ILE A 573 -7.83 -9.61 -2.64
C ILE A 573 -8.11 -10.86 -1.82
N ALA A 574 -9.11 -11.64 -2.24
CA ALA A 574 -9.40 -12.90 -1.55
C ALA A 574 -8.24 -13.89 -1.66
N LEU A 575 -7.67 -14.00 -2.87
CA LEU A 575 -6.56 -14.92 -3.07
C LEU A 575 -5.32 -14.48 -2.30
N SER A 576 -5.17 -13.17 -2.06
CA SER A 576 -4.06 -12.69 -1.24
C SER A 576 -4.03 -13.36 0.11
N SER A 577 -5.21 -13.57 0.70
CA SER A 577 -5.29 -14.28 1.98
C SER A 577 -5.30 -15.79 1.78
N MET A 578 -5.93 -16.26 0.69
CA MET A 578 -6.07 -17.70 0.49
C MET A 578 -4.73 -18.39 0.24
N VAL A 579 -3.89 -17.79 -0.61
CA VAL A 579 -2.65 -18.46 -1.01
C VAL A 579 -1.57 -18.37 0.05
N LEU A 580 -1.87 -17.76 1.20
CA LEU A 580 -0.87 -17.65 2.30
C LEU A 580 -0.66 -19.04 2.91
N VAL A 581 -1.65 -19.92 2.79
CA VAL A 581 -1.52 -21.33 3.30
C VAL A 581 -0.51 -22.08 2.42
N PRO A 582 -0.69 -22.15 1.08
CA PRO A 582 0.29 -22.81 0.23
C PRO A 582 1.67 -22.16 0.31
N ILE A 583 1.73 -20.84 0.20
CA ILE A 583 3.04 -20.12 0.21
C ILE A 583 3.81 -20.53 1.47
N TYR A 584 3.10 -20.66 2.60
CA TYR A 584 3.80 -20.97 3.88
C TYR A 584 4.32 -22.41 3.87
N VAL A 585 3.53 -23.34 3.35
CA VAL A 585 3.99 -24.77 3.27
C VAL A 585 5.27 -24.80 2.42
N ILE A 586 5.31 -24.04 1.33
CA ILE A 586 6.53 -23.96 0.47
C ILE A 586 7.69 -23.40 1.31
N TYR A 587 7.46 -22.29 2.01
CA TYR A 587 8.53 -21.65 2.82
C TYR A 587 9.04 -22.62 3.87
N LYS A 588 8.13 -23.34 4.54
CA LYS A 588 8.54 -24.26 5.64
C LYS A 588 9.33 -25.43 5.05
N PHE A 589 8.97 -25.87 3.85
CA PHE A 589 9.63 -27.00 3.20
C PHE A 589 11.06 -26.62 2.77
N LEU A 590 11.24 -25.40 2.29
CA LEU A 590 12.56 -24.99 1.83
C LEU A 590 13.47 -24.62 3.00
N SER A 591 12.91 -24.03 4.05
CA SER A 591 13.70 -23.63 5.20
C SER A 591 14.10 -24.79 6.10
N THR A 592 13.51 -25.97 5.91
CA THR A 592 13.84 -27.14 6.70
C THR A 592 14.97 -27.92 6.02
N GLN A 593 16.02 -28.22 6.78
CA GLN A 593 17.17 -28.95 6.27
C GLN A 593 16.99 -30.44 6.53
N GLY A 594 17.07 -31.22 5.47
CA GLY A 594 16.92 -32.66 5.57
C GLY A 594 16.23 -33.21 4.35
N SER A 595 16.07 -34.54 4.36
CA SER A 595 15.40 -35.22 3.26
C SER A 595 13.90 -34.97 3.30
N LEU A 596 13.22 -35.42 2.25
CA LEU A 596 11.77 -35.26 2.14
C LEU A 596 11.06 -35.82 3.36
N TRP A 597 11.50 -36.99 3.83
CA TRP A 597 10.91 -37.59 5.02
C TRP A 597 11.06 -36.65 6.22
N GLU A 598 12.27 -36.16 6.46
CA GLU A 598 12.51 -35.29 7.61
C GLU A 598 11.77 -33.96 7.46
N ARG A 599 11.72 -33.42 6.25
CA ARG A 599 10.99 -32.17 6.02
C ARG A 599 9.51 -32.34 6.34
N LEU A 600 8.89 -33.40 5.81
CA LEU A 600 7.48 -33.63 6.07
C LEU A 600 7.23 -33.88 7.55
N ALA A 601 8.14 -34.62 8.21
CA ALA A 601 7.98 -34.89 9.63
C ALA A 601 8.04 -33.60 10.45
N TYR A 602 9.03 -32.75 10.17
CA TYR A 602 9.11 -31.47 10.86
C TYR A 602 7.93 -30.57 10.54
N GLY A 603 7.32 -30.75 9.37
CA GLY A 603 6.17 -29.93 9.00
C GLY A 603 4.84 -30.40 9.53
N ILE A 604 4.72 -31.68 9.91
CA ILE A 604 3.46 -32.23 10.39
C ILE A 604 3.51 -32.62 11.86
N THR A 605 4.62 -32.33 12.56
CA THR A 605 4.69 -32.69 13.97
C THR A 605 4.82 -31.46 14.84
N PRO A 606 4.31 -31.50 16.08
CA PRO A 606 4.44 -30.34 16.97
C PRO A 606 5.88 -30.00 17.25
N GLU A 607 6.12 -28.72 17.57
CA GLU A 607 7.48 -28.27 17.87
C GLU A 607 8.06 -28.94 19.11
N ASN A 608 7.22 -29.35 20.06
CA ASN A 608 7.69 -30.01 21.27
C ASN A 608 7.89 -31.50 21.10
N GLU A 609 7.67 -32.04 19.90
CA GLU A 609 7.86 -33.47 19.64
C GLU A 609 8.77 -33.71 18.44
N HIS A 610 9.56 -32.71 18.04
CA HIS A 610 10.46 -32.88 16.91
C HIS A 610 11.51 -33.96 17.16
N HIS A 611 11.81 -34.27 18.41
CA HIS A 611 12.72 -35.38 18.71
C HIS A 611 12.16 -36.69 18.19
N LEU A 612 10.83 -36.84 18.15
CA LEU A 612 10.23 -38.04 17.58
C LEU A 612 10.58 -38.20 16.11
N VAL A 613 10.93 -37.11 15.44
CA VAL A 613 11.40 -37.19 14.06
C VAL A 613 12.70 -37.98 14.00
N ALA A 614 13.58 -37.76 14.98
CA ALA A 614 14.84 -38.49 15.01
C ALA A 614 14.62 -39.97 15.33
N GLN A 615 13.63 -40.27 16.16
CA GLN A 615 13.31 -41.65 16.52
C GLN A 615 12.50 -42.37 15.45
N ARG A 616 12.13 -41.69 14.37
CA ARG A 616 11.35 -42.28 13.28
C ARG A 616 10.03 -42.85 13.80
N ASP A 617 9.37 -42.07 14.67
CA ASP A 617 8.08 -42.43 15.25
C ASP A 617 7.12 -41.26 15.06
N ILE A 618 6.44 -41.23 13.92
CA ILE A 618 5.50 -40.17 13.58
C ILE A 618 4.10 -40.76 13.55
N ARG A 619 3.17 -40.13 14.25
CA ARG A 619 1.81 -40.64 14.30
C ARG A 619 1.09 -40.43 12.97
N GLN A 620 1.34 -39.30 12.31
CA GLN A 620 0.67 -39.00 11.05
C GLN A 620 1.01 -39.98 9.94
N PHE A 621 2.13 -40.69 10.04
CA PHE A 621 2.52 -41.69 9.06
C PHE A 621 1.92 -43.06 9.34
N GLN A 622 0.91 -43.14 10.21
CA GLN A 622 0.25 -44.39 10.55
C GLN A 622 -1.22 -44.29 10.19
N LEU A 623 -1.80 -45.42 9.78
CA LEU A 623 -3.20 -45.43 9.36
C LEU A 623 -4.14 -45.25 10.55
N GLN A 624 -3.69 -45.60 11.75
CA GLN A 624 -4.53 -45.47 12.93
C GLN A 624 -4.80 -44.02 13.29
N HIS A 625 -3.92 -43.11 12.87
CA HIS A 625 -4.11 -41.70 13.17
C HIS A 625 -5.24 -41.11 12.34
N TRP A 626 -5.24 -41.37 11.03
CA TRP A 626 -6.27 -40.85 10.15
C TRP A 626 -7.60 -41.57 10.28
N LEU A 627 -7.63 -42.72 10.95
CA LEU A 627 -8.86 -43.48 11.14
C LEU A 627 -9.29 -43.53 12.61
N ALA A 628 -8.90 -42.53 13.39
CA ALA A 628 -9.28 -42.51 14.80
C ALA A 628 -10.78 -42.29 14.96
N ILE A 629 -11.31 -41.25 14.31
CA ILE A 629 -12.73 -40.91 14.35
C ILE A 629 -13.19 -40.63 15.78
N ARG B 68 32.56 -5.91 7.54
CA ARG B 68 31.81 -5.60 6.32
C ARG B 68 32.59 -6.04 5.09
N GLU B 69 31.88 -6.17 3.97
CA GLU B 69 32.52 -6.59 2.73
C GLU B 69 33.34 -5.45 2.12
N THR B 70 34.19 -5.81 1.17
CA THR B 70 35.06 -4.86 0.49
C THR B 70 34.95 -5.06 -1.02
N TRP B 71 34.93 -3.96 -1.74
CA TRP B 71 34.87 -4.01 -3.20
C TRP B 71 36.16 -4.60 -3.77
N GLY B 72 36.03 -5.41 -4.82
CA GLY B 72 37.18 -6.01 -5.43
C GLY B 72 38.08 -4.99 -6.11
N LYS B 73 39.28 -5.43 -6.46
CA LYS B 73 40.24 -4.53 -7.11
C LYS B 73 39.79 -4.18 -8.53
N LYS B 74 38.94 -5.01 -9.14
CA LYS B 74 38.47 -4.71 -10.48
C LYS B 74 37.60 -3.46 -10.51
N ILE B 75 36.72 -3.31 -9.51
CA ILE B 75 35.87 -2.13 -9.43
C ILE B 75 36.54 -0.97 -8.74
N ASP B 76 37.62 -1.20 -7.99
CA ASP B 76 38.34 -0.15 -7.29
C ASP B 76 39.47 0.43 -8.12
N PHE B 77 39.61 0.02 -9.37
CA PHE B 77 40.70 0.51 -10.22
C PHE B 77 40.55 2.00 -10.49
N LEU B 78 41.66 2.65 -10.83
CA LEU B 78 41.62 4.08 -11.13
C LEU B 78 40.77 4.39 -12.35
N LEU B 79 40.77 3.50 -13.35
CA LEU B 79 39.98 3.68 -14.55
C LEU B 79 38.58 3.06 -14.43
N SER B 80 38.21 2.60 -13.24
CA SER B 80 36.90 2.04 -13.00
C SER B 80 35.90 3.07 -12.49
N VAL B 81 36.34 4.32 -12.36
CA VAL B 81 35.41 5.42 -11.94
C VAL B 81 34.47 5.74 -13.11
N VAL B 82 34.88 5.42 -14.34
CA VAL B 82 34.05 5.72 -15.54
C VAL B 82 32.73 4.92 -15.43
N GLY B 83 32.77 3.73 -14.83
CA GLY B 83 31.55 2.94 -14.64
C GLY B 83 30.59 3.65 -13.70
N PHE B 84 31.12 4.30 -12.66
CA PHE B 84 30.26 5.00 -11.66
C PHE B 84 29.95 6.43 -12.13
N ALA B 85 30.46 6.81 -13.31
CA ALA B 85 30.27 8.20 -13.79
C ALA B 85 29.16 8.27 -14.84
N VAL B 86 28.52 7.13 -15.15
CA VAL B 86 27.38 7.10 -16.12
C VAL B 86 26.18 6.49 -15.40
N ASP B 87 24.96 6.91 -15.76
CA ASP B 87 23.74 6.41 -15.08
C ASP B 87 22.56 6.55 -16.05
N LEU B 88 21.44 5.91 -15.75
CA LEU B 88 20.25 6.03 -16.62
C LEU B 88 19.90 7.51 -16.70
N ALA B 89 20.19 8.27 -15.64
CA ALA B 89 19.87 9.71 -15.59
C ALA B 89 20.66 10.48 -16.65
N ASN B 90 21.94 10.15 -16.81
CA ASN B 90 22.81 10.88 -17.77
C ASN B 90 22.37 10.60 -19.21
N VAL B 91 21.79 9.42 -19.46
CA VAL B 91 21.43 9.03 -20.85
C VAL B 91 19.91 9.22 -21.08
N TRP B 92 19.11 9.11 -20.02
CA TRP B 92 17.64 9.19 -20.20
C TRP B 92 17.06 10.48 -19.62
N ARG B 93 17.46 10.86 -18.39
CA ARG B 93 16.83 12.05 -17.75
C ARG B 93 17.46 13.34 -18.28
N PHE B 94 18.79 13.42 -18.29
CA PHE B 94 19.45 14.69 -18.71
C PHE B 94 18.87 15.17 -20.04
N PRO B 95 18.79 14.33 -21.10
CA PRO B 95 18.34 14.82 -22.42
C PRO B 95 17.04 15.61 -22.39
N TYR B 96 15.97 15.04 -21.84
CA TYR B 96 14.70 15.75 -21.85
C TYR B 96 14.69 16.90 -20.84
N LEU B 97 15.47 16.81 -19.77
CA LEU B 97 15.57 17.92 -18.83
C LEU B 97 16.24 19.12 -19.48
N CYS B 98 17.23 18.88 -20.35
CA CYS B 98 17.88 19.97 -21.05
C CYS B 98 17.02 20.49 -22.20
N TYR B 99 16.30 19.59 -22.89
CA TYR B 99 15.44 20.01 -23.98
C TYR B 99 14.27 20.83 -23.48
N LYS B 100 13.76 20.50 -22.28
CA LYS B 100 12.64 21.24 -21.72
C LYS B 100 13.04 22.66 -21.35
N ASN B 101 14.27 22.86 -20.89
CA ASN B 101 14.76 24.18 -20.50
C ASN B 101 15.38 24.95 -21.65
N GLY B 102 15.17 24.51 -22.88
CA GLY B 102 15.67 25.23 -24.05
C GLY B 102 16.99 24.73 -24.58
N GLY B 103 17.90 24.38 -23.68
CA GLY B 103 19.22 23.94 -24.09
C GLY B 103 20.23 25.06 -24.12
N GLY B 104 21.42 24.81 -23.59
CA GLY B 104 22.43 25.87 -23.46
C GLY B 104 22.24 26.72 -22.23
N ALA B 105 21.03 27.23 -22.01
CA ALA B 105 20.71 27.94 -20.78
C ALA B 105 20.60 27.02 -19.59
N PHE B 106 20.64 25.70 -19.81
CA PHE B 106 20.59 24.72 -18.73
C PHE B 106 21.97 24.25 -18.30
N LEU B 107 22.98 24.40 -19.16
CA LEU B 107 24.31 23.92 -18.83
C LEU B 107 24.97 24.76 -17.74
N ILE B 108 24.74 26.07 -17.77
CA ILE B 108 25.36 26.99 -16.80
C ILE B 108 24.87 26.68 -15.39
N PRO B 109 23.56 26.58 -15.13
CA PRO B 109 23.13 26.17 -13.78
C PRO B 109 23.58 24.76 -13.43
N TYR B 110 23.58 23.85 -14.39
CA TYR B 110 24.07 22.49 -14.16
C TYR B 110 25.51 22.51 -13.69
N THR B 111 26.39 23.17 -14.44
CA THR B 111 27.81 23.22 -14.10
C THR B 111 28.03 23.96 -12.77
N LEU B 112 27.26 25.02 -12.54
CA LEU B 112 27.40 25.77 -11.29
C LEU B 112 27.03 24.90 -10.09
N PHE B 113 25.88 24.23 -10.16
CA PHE B 113 25.46 23.37 -9.05
C PHE B 113 26.39 22.18 -8.90
N LEU B 114 27.04 21.77 -9.99
CA LEU B 114 28.02 20.69 -9.90
C LEU B 114 29.28 21.14 -9.17
N ILE B 115 29.77 22.33 -9.49
CA ILE B 115 31.05 22.76 -8.94
C ILE B 115 30.90 23.28 -7.51
N ILE B 116 29.75 23.86 -7.17
CA ILE B 116 29.59 24.43 -5.84
C ILE B 116 28.71 23.60 -4.92
N ALA B 117 27.80 22.80 -5.46
CA ALA B 117 26.89 22.02 -4.62
C ALA B 117 27.05 20.52 -4.83
N GLY B 118 27.08 20.09 -6.08
CA GLY B 118 27.08 18.66 -6.36
C GLY B 118 28.36 17.97 -5.89
N MET B 119 29.50 18.49 -6.33
CA MET B 119 30.77 17.86 -5.96
C MET B 119 31.10 17.97 -4.47
N PRO B 120 30.86 19.10 -3.79
CA PRO B 120 31.08 19.12 -2.34
C PRO B 120 30.23 18.11 -1.58
N LEU B 121 28.94 18.01 -1.89
CA LEU B 121 28.09 17.03 -1.23
C LEU B 121 28.50 15.61 -1.58
N PHE B 122 28.95 15.39 -2.82
CA PHE B 122 29.46 14.08 -3.22
C PHE B 122 30.65 13.68 -2.36
N TYR B 123 31.64 14.58 -2.23
CA TYR B 123 32.81 14.31 -1.40
C TYR B 123 32.41 14.10 0.06
N MET B 124 31.47 14.91 0.56
CA MET B 124 31.05 14.79 1.96
C MET B 124 30.40 13.44 2.22
N GLU B 125 29.49 13.01 1.34
CA GLU B 125 28.83 11.73 1.52
C GLU B 125 29.81 10.58 1.40
N LEU B 126 30.76 10.67 0.47
CA LEU B 126 31.77 9.62 0.34
C LEU B 126 32.59 9.50 1.61
N ALA B 127 33.08 10.63 2.13
CA ALA B 127 33.90 10.59 3.34
C ALA B 127 33.10 10.09 4.54
N LEU B 128 31.83 10.51 4.64
CA LEU B 128 31.00 10.07 5.77
C LEU B 128 30.76 8.57 5.71
N GLY B 129 30.44 8.05 4.51
CA GLY B 129 30.22 6.62 4.38
C GLY B 129 31.47 5.80 4.60
N GLN B 130 32.64 6.35 4.22
CA GLN B 130 33.88 5.64 4.45
C GLN B 130 34.30 5.67 5.91
N TYR B 131 33.96 6.74 6.64
CA TYR B 131 34.37 6.85 8.03
C TYR B 131 33.42 6.08 8.96
N ASN B 132 32.12 6.18 8.75
CA ASN B 132 31.16 5.60 9.67
C ASN B 132 30.93 4.11 9.44
N ARG B 133 31.17 3.60 8.23
CA ARG B 133 30.96 2.19 7.92
C ARG B 133 29.53 1.76 8.22
N GLU B 134 28.56 2.61 7.86
CA GLU B 134 27.17 2.37 8.14
C GLU B 134 26.35 2.61 6.87
N GLY B 135 25.05 2.36 6.98
CA GLY B 135 24.13 2.53 5.88
C GLY B 135 23.72 3.98 5.69
N ALA B 136 22.58 4.16 5.03
CA ALA B 136 22.10 5.52 4.75
C ALA B 136 21.60 6.20 6.02
N ALA B 137 20.83 5.47 6.84
CA ALA B 137 20.27 6.06 8.05
C ALA B 137 21.24 5.95 9.22
N THR B 138 21.89 4.79 9.37
CA THR B 138 22.74 4.56 10.53
C THR B 138 23.99 5.43 10.51
N VAL B 139 24.34 5.98 9.34
CA VAL B 139 25.50 6.87 9.24
C VAL B 139 25.33 8.10 10.12
N TRP B 140 24.12 8.37 10.60
CA TRP B 140 23.86 9.48 11.50
C TRP B 140 24.03 9.05 12.95
N LYS B 141 24.84 8.02 13.19
CA LYS B 141 25.19 7.65 14.55
C LYS B 141 25.94 8.77 15.28
N ILE B 142 26.49 9.73 14.54
CA ILE B 142 27.17 10.87 15.16
C ILE B 142 26.16 11.93 15.60
N CYS B 143 24.95 11.89 15.07
CA CYS B 143 23.89 12.84 15.45
C CYS B 143 22.55 12.16 15.26
N PRO B 144 21.96 11.64 16.34
CA PRO B 144 20.72 10.87 16.21
C PRO B 144 19.55 11.66 15.63
N PHE B 145 19.43 12.94 16.00
CA PHE B 145 18.25 13.72 15.57
C PHE B 145 18.15 13.71 14.05
N PHE B 146 19.20 13.26 13.36
CA PHE B 146 19.21 13.33 11.88
C PHE B 146 19.00 11.94 11.27
N LYS B 147 18.79 10.90 12.09
CA LYS B 147 18.65 9.53 11.55
C LYS B 147 17.34 9.43 10.76
N GLY B 148 16.38 10.31 11.06
CA GLY B 148 15.08 10.28 10.38
C GLY B 148 15.20 10.82 8.98
N VAL B 149 16.33 11.45 8.67
CA VAL B 149 16.55 11.94 7.32
C VAL B 149 17.16 10.85 6.46
N GLY B 150 17.98 9.98 7.05
CA GLY B 150 18.46 8.82 6.33
C GLY B 150 17.32 7.99 5.77
N TYR B 151 16.41 7.56 6.64
CA TYR B 151 15.19 6.89 6.17
C TYR B 151 14.58 7.64 5.00
N ALA B 152 14.50 8.98 5.11
CA ALA B 152 13.95 9.79 4.03
C ALA B 152 14.57 9.41 2.70
N VAL B 153 15.90 9.57 2.58
CA VAL B 153 16.53 9.30 1.29
C VAL B 153 16.31 7.84 0.90
N ILE B 154 16.30 6.93 1.89
CA ILE B 154 15.99 5.54 1.61
C ILE B 154 14.65 5.45 0.89
N LEU B 155 13.60 5.99 1.52
CA LEU B 155 12.29 6.03 0.88
C LEU B 155 12.40 6.68 -0.50
N ILE B 156 13.12 7.79 -0.59
CA ILE B 156 13.31 8.45 -1.88
C ILE B 156 13.86 7.47 -2.89
N ALA B 157 14.95 6.76 -2.54
CA ALA B 157 15.50 5.76 -3.44
C ALA B 157 14.43 4.75 -3.84
N LEU B 158 13.68 4.25 -2.87
CA LEU B 158 12.60 3.31 -3.18
C LEU B 158 11.63 3.93 -4.18
N TYR B 159 11.21 5.18 -3.93
CA TYR B 159 10.33 5.88 -4.86
C TYR B 159 10.90 5.86 -6.27
N VAL B 160 12.21 6.11 -6.39
CA VAL B 160 12.85 6.09 -7.70
C VAL B 160 12.64 4.74 -8.36
N GLY B 161 12.90 3.66 -7.63
CA GLY B 161 12.70 2.33 -8.18
C GLY B 161 11.28 2.14 -8.71
N PHE B 162 10.30 2.75 -8.03
CA PHE B 162 8.90 2.57 -8.39
C PHE B 162 8.64 2.91 -9.86
N TYR B 163 9.59 3.64 -10.47
CA TYR B 163 9.45 4.02 -11.90
C TYR B 163 10.75 3.76 -12.68
N TYR B 164 11.90 3.69 -12.01
CA TYR B 164 13.18 3.41 -12.69
C TYR B 164 13.13 2.04 -13.33
N ASN B 165 12.56 1.06 -12.62
CA ASN B 165 12.44 -0.33 -13.13
C ASN B 165 11.49 -0.35 -14.33
N VAL B 166 10.46 0.49 -14.30
CA VAL B 166 9.48 0.56 -15.43
C VAL B 166 10.22 1.00 -16.70
N ILE B 167 11.27 1.80 -16.53
CA ILE B 167 12.04 2.27 -17.68
C ILE B 167 12.82 1.12 -18.29
N ILE B 168 13.48 0.31 -17.46
CA ILE B 168 14.19 -0.85 -17.95
C ILE B 168 13.25 -1.72 -18.77
N ALA B 169 12.06 -2.01 -18.23
CA ALA B 169 11.08 -2.81 -18.96
C ALA B 169 10.82 -2.23 -20.34
N TRP B 170 10.67 -0.91 -20.42
CA TRP B 170 10.51 -0.26 -21.72
C TRP B 170 11.62 -0.69 -22.67
N SER B 171 12.88 -0.47 -22.25
CA SER B 171 14.01 -0.88 -23.09
C SER B 171 13.92 -2.36 -23.42
N LEU B 172 13.55 -3.18 -22.45
CA LEU B 172 13.40 -4.61 -22.70
C LEU B 172 12.42 -4.86 -23.84
N TYR B 173 11.27 -4.19 -23.81
CA TYR B 173 10.33 -4.30 -24.91
C TYR B 173 10.98 -3.88 -26.22
N TYR B 174 11.73 -2.78 -26.20
CA TYR B 174 12.44 -2.35 -27.40
C TYR B 174 13.42 -3.43 -27.85
N LEU B 175 14.04 -4.14 -26.91
CA LEU B 175 14.89 -5.27 -27.28
C LEU B 175 14.10 -6.30 -28.07
N PHE B 176 12.89 -6.62 -27.60
CA PHE B 176 12.04 -7.57 -28.33
C PHE B 176 11.62 -6.98 -29.67
N SER B 177 11.65 -5.65 -29.80
CA SER B 177 11.36 -5.00 -31.07
C SER B 177 12.61 -4.79 -31.92
N SER B 178 13.78 -5.18 -31.42
CA SER B 178 15.04 -4.95 -32.12
C SER B 178 15.49 -6.13 -32.98
N PHE B 179 14.95 -7.32 -32.74
CA PHE B 179 15.35 -8.49 -33.51
C PHE B 179 14.47 -8.66 -34.74
N THR B 180 14.35 -7.61 -35.55
CA THR B 180 13.56 -7.65 -36.77
C THR B 180 14.32 -6.96 -37.88
N LEU B 181 14.06 -7.38 -39.12
CA LEU B 181 14.70 -6.75 -40.27
C LEU B 181 14.17 -5.33 -40.48
N ASN B 182 12.87 -5.14 -40.33
CA ASN B 182 12.23 -3.83 -40.44
C ASN B 182 11.83 -3.37 -39.06
N LEU B 183 12.44 -2.28 -38.59
CA LEU B 183 12.15 -1.78 -37.27
C LEU B 183 10.71 -1.27 -37.20
N PRO B 184 10.00 -1.49 -36.08
CA PRO B 184 8.60 -1.04 -36.01
C PRO B 184 8.44 0.47 -35.96
N TRP B 185 9.48 1.22 -35.57
CA TRP B 185 9.42 2.67 -35.50
C TRP B 185 9.91 3.35 -36.78
N THR B 186 10.20 2.57 -37.82
CA THR B 186 10.72 3.17 -39.05
C THR B 186 9.61 3.87 -39.84
N ASP B 187 8.50 3.19 -40.08
CA ASP B 187 7.42 3.74 -40.88
C ASP B 187 6.08 3.38 -40.25
N CYS B 188 5.01 3.91 -40.85
CA CYS B 188 3.65 3.65 -40.39
C CYS B 188 3.15 2.35 -41.01
N GLY B 189 1.86 2.08 -40.86
CA GLY B 189 1.24 0.91 -41.46
C GLY B 189 1.05 -0.27 -40.54
N HIS B 190 1.32 -0.13 -39.25
CA HIS B 190 1.15 -1.23 -38.31
C HIS B 190 -0.21 -1.13 -37.61
N THR B 191 -0.43 -1.99 -36.63
CA THR B 191 -1.70 -2.00 -35.91
C THR B 191 -1.81 -0.81 -34.98
N TRP B 192 -0.74 -0.51 -34.24
CA TRP B 192 -0.78 0.61 -33.30
C TRP B 192 -0.79 1.95 -34.01
N ASN B 193 -0.29 2.02 -35.24
CA ASN B 193 -0.25 3.27 -35.98
C ASN B 193 -1.66 3.77 -36.26
N SER B 194 -1.94 4.98 -35.78
CA SER B 194 -3.23 5.62 -36.00
C SER B 194 -3.26 6.24 -37.40
N PRO B 195 -4.45 6.61 -37.88
CA PRO B 195 -4.51 7.34 -39.17
C PRO B 195 -3.69 8.61 -39.20
N ASN B 196 -3.44 9.22 -38.03
CA ASN B 196 -2.60 10.42 -37.95
C ASN B 196 -1.14 9.98 -37.75
N CYS B 197 -0.63 9.28 -38.75
CA CYS B 197 0.75 8.81 -38.76
C CYS B 197 1.39 9.27 -40.07
N THR B 198 2.34 10.20 -39.98
CA THR B 198 2.98 10.79 -41.14
C THR B 198 4.45 10.37 -41.16
N ASP B 199 4.81 9.53 -42.12
CA ASP B 199 6.20 9.11 -42.27
C ASP B 199 6.95 10.11 -43.14
N PRO B 200 8.19 10.49 -42.78
CA PRO B 200 8.92 11.46 -43.61
C PRO B 200 9.22 10.97 -45.01
N LYS B 201 9.38 9.65 -45.20
CA LYS B 201 9.70 9.11 -46.51
C LYS B 201 8.45 8.91 -47.38
N LEU B 202 7.26 9.03 -46.80
CA LEU B 202 6.01 8.86 -47.53
C LEU B 202 5.37 10.19 -47.90
N LEU B 203 6.18 11.21 -48.20
CA LEU B 203 5.64 12.50 -48.59
C LEU B 203 4.96 12.44 -49.95
N ASN B 204 5.32 11.47 -50.78
CA ASN B 204 4.68 11.34 -52.09
C ASN B 204 3.19 11.07 -51.96
N GLY B 205 2.79 10.27 -50.97
CA GLY B 205 1.38 10.03 -50.73
C GLY B 205 0.64 11.19 -50.12
N SER B 206 1.26 11.87 -49.15
CA SER B 206 0.70 13.07 -48.52
C SER B 206 -0.66 12.77 -47.87
N VAL B 207 -0.64 11.84 -46.90
CA VAL B 207 -1.85 11.55 -46.15
C VAL B 207 -2.25 12.76 -45.30
N LEU B 208 -1.28 13.32 -44.57
CA LEU B 208 -1.50 14.54 -43.82
C LEU B 208 -0.36 15.54 -43.94
N GLY B 209 0.71 15.18 -44.63
CA GLY B 209 1.86 16.08 -44.76
C GLY B 209 2.88 15.86 -43.66
N ASN B 210 4.14 16.18 -43.99
CA ASN B 210 5.22 16.05 -43.01
C ASN B 210 5.01 17.00 -41.84
N HIS B 211 4.40 18.15 -42.09
CA HIS B 211 4.12 19.13 -41.05
C HIS B 211 2.61 19.36 -40.96
N THR B 212 2.04 19.02 -39.81
CA THR B 212 0.62 19.19 -39.55
C THR B 212 0.32 20.23 -38.49
N LYS B 213 0.96 20.14 -37.34
CA LYS B 213 0.80 21.10 -36.25
C LYS B 213 2.09 21.07 -35.43
N TYR B 214 2.32 22.13 -34.64
CA TYR B 214 3.55 22.26 -33.86
C TYR B 214 3.20 22.52 -32.39
N SER B 215 2.85 21.45 -31.68
CA SER B 215 2.79 21.50 -30.22
C SER B 215 3.84 20.54 -29.65
N LYS B 216 3.75 19.27 -30.06
CA LYS B 216 4.77 18.27 -29.76
C LYS B 216 5.06 17.33 -30.92
N TYR B 217 4.20 17.29 -31.93
CA TYR B 217 4.34 16.41 -33.10
C TYR B 217 4.48 14.95 -32.66
N LYS B 218 3.45 14.45 -31.99
CA LYS B 218 3.39 13.06 -31.56
C LYS B 218 2.87 12.12 -32.67
N PHE B 219 2.93 12.56 -33.92
CA PHE B 219 2.46 11.77 -35.06
C PHE B 219 3.59 11.08 -35.80
N THR B 220 4.81 11.15 -35.29
CA THR B 220 5.93 10.48 -35.94
C THR B 220 5.89 8.98 -35.65
N PRO B 221 6.41 8.15 -36.57
CA PRO B 221 6.37 6.69 -36.34
C PRO B 221 7.00 6.26 -35.03
N ALA B 222 8.11 6.88 -34.62
CA ALA B 222 8.71 6.53 -33.34
C ALA B 222 7.79 6.91 -32.18
N ALA B 223 7.21 8.11 -32.22
CA ALA B 223 6.30 8.52 -31.16
C ALA B 223 5.05 7.65 -31.13
N GLU B 224 4.55 7.25 -32.30
CA GLU B 224 3.38 6.38 -32.36
C GLU B 224 3.71 5.00 -31.78
N PHE B 225 4.90 4.49 -32.09
CA PHE B 225 5.30 3.19 -31.54
C PHE B 225 5.52 3.26 -30.04
N TYR B 226 6.02 4.40 -29.54
CA TYR B 226 6.28 4.54 -28.11
C TYR B 226 4.98 4.71 -27.33
N GLU B 227 4.16 5.67 -27.72
CA GLU B 227 2.96 5.99 -26.93
C GLU B 227 1.86 4.95 -27.11
N ARG B 228 1.69 4.42 -28.31
CA ARG B 228 0.62 3.48 -28.60
C ARG B 228 1.11 2.03 -28.64
N GLY B 229 2.24 1.77 -29.31
CA GLY B 229 2.70 0.40 -29.45
C GLY B 229 3.32 -0.16 -28.18
N VAL B 230 3.84 0.70 -27.31
CA VAL B 230 4.50 0.29 -26.08
C VAL B 230 3.65 0.64 -24.85
N LEU B 231 3.36 1.92 -24.65
CA LEU B 231 2.63 2.35 -23.47
C LEU B 231 1.12 2.26 -23.66
N HIS B 232 0.65 2.27 -24.91
CA HIS B 232 -0.78 2.26 -25.22
C HIS B 232 -1.50 3.42 -24.55
N LEU B 233 -0.92 4.62 -24.66
CA LEU B 233 -1.50 5.80 -24.02
C LEU B 233 -2.81 6.21 -24.67
N HIS B 234 -3.03 5.81 -25.93
CA HIS B 234 -4.27 6.16 -26.62
C HIS B 234 -5.49 5.54 -25.96
N GLU B 235 -5.32 4.47 -25.18
CA GLU B 235 -6.41 3.83 -24.46
C GLU B 235 -6.68 4.44 -23.09
N SER B 236 -6.19 5.66 -22.86
CA SER B 236 -6.39 6.35 -21.59
C SER B 236 -6.44 7.86 -21.84
N SER B 237 -7.29 8.54 -21.08
CA SER B 237 -7.45 9.98 -21.21
C SER B 237 -6.81 10.77 -20.09
N GLY B 238 -6.35 10.11 -19.03
CA GLY B 238 -5.72 10.81 -17.93
C GLY B 238 -5.21 9.84 -16.89
N ILE B 239 -4.86 10.40 -15.73
CA ILE B 239 -4.32 9.62 -14.62
C ILE B 239 -5.49 8.98 -13.87
N HIS B 240 -6.70 9.49 -14.11
CA HIS B 240 -7.89 8.96 -13.46
C HIS B 240 -8.42 7.70 -14.12
N ASP B 241 -8.06 7.45 -15.38
CA ASP B 241 -8.56 6.30 -16.12
C ASP B 241 -7.42 5.49 -16.73
N ILE B 242 -6.39 5.22 -15.93
CA ILE B 242 -5.23 4.48 -16.45
C ILE B 242 -5.65 3.08 -16.91
N GLY B 243 -6.51 2.41 -16.14
CA GLY B 243 -7.01 1.11 -16.52
C GLY B 243 -6.21 -0.04 -15.95
N LEU B 244 -5.96 -1.07 -16.78
CA LEU B 244 -5.26 -2.28 -16.41
C LEU B 244 -3.86 -2.30 -17.02
N PRO B 245 -2.87 -2.84 -16.31
CA PRO B 245 -1.51 -2.88 -16.85
C PRO B 245 -1.40 -3.76 -18.09
N GLN B 246 -0.59 -3.31 -19.05
CA GLN B 246 -0.36 -4.11 -20.26
C GLN B 246 0.39 -5.39 -19.91
N TRP B 247 0.01 -6.49 -20.55
CA TRP B 247 0.63 -7.78 -20.26
C TRP B 247 2.05 -7.84 -20.79
N GLN B 248 2.32 -7.15 -21.90
CA GLN B 248 3.69 -7.09 -22.41
C GLN B 248 4.61 -6.40 -21.41
N LEU B 249 4.24 -5.19 -20.98
CA LEU B 249 5.00 -4.50 -19.95
C LEU B 249 5.00 -5.27 -18.64
N LEU B 250 3.92 -6.01 -18.36
CA LEU B 250 3.90 -6.87 -17.17
C LEU B 250 5.01 -7.91 -17.21
N LEU B 251 5.10 -8.66 -18.32
CA LEU B 251 6.16 -9.66 -18.44
C LEU B 251 7.54 -9.01 -18.46
N CYS B 252 7.66 -7.84 -19.09
CA CYS B 252 8.95 -7.14 -19.10
C CYS B 252 9.38 -6.77 -17.69
N LEU B 253 8.48 -6.19 -16.90
CA LEU B 253 8.82 -5.82 -15.52
C LEU B 253 9.08 -7.06 -14.68
N MET B 254 8.38 -8.16 -14.95
CA MET B 254 8.65 -9.41 -14.24
C MET B 254 10.07 -9.89 -14.52
N VAL B 255 10.48 -9.89 -15.79
CA VAL B 255 11.85 -10.28 -16.13
C VAL B 255 12.85 -9.33 -15.49
N VAL B 256 12.53 -8.04 -15.46
CA VAL B 256 13.44 -7.05 -14.87
C VAL B 256 13.65 -7.34 -13.39
N VAL B 257 12.55 -7.54 -12.65
CA VAL B 257 12.68 -7.76 -11.21
C VAL B 257 13.28 -9.13 -10.93
N ILE B 258 13.11 -10.09 -11.83
CA ILE B 258 13.75 -11.39 -11.64
C ILE B 258 15.26 -11.27 -11.80
N VAL B 259 15.71 -10.53 -12.82
CA VAL B 259 17.14 -10.31 -12.99
C VAL B 259 17.69 -9.49 -11.82
N LEU B 260 16.88 -8.56 -11.30
CA LEU B 260 17.32 -7.73 -10.19
C LEU B 260 17.44 -8.56 -8.91
N TYR B 261 16.52 -9.49 -8.70
CA TYR B 261 16.53 -10.27 -7.42
C TYR B 261 17.80 -11.11 -7.36
N PHE B 262 18.13 -11.79 -8.46
CA PHE B 262 19.30 -12.73 -8.44
C PHE B 262 20.59 -11.95 -8.62
N SER B 263 20.50 -10.61 -8.64
CA SER B 263 21.72 -9.77 -8.73
C SER B 263 21.96 -9.07 -7.39
N LEU B 264 21.06 -9.28 -6.43
CA LEU B 264 21.17 -8.62 -5.10
C LEU B 264 21.24 -9.68 -3.99
N TRP B 265 20.61 -10.83 -4.21
CA TRP B 265 20.22 -11.76 -3.12
C TRP B 265 21.44 -12.24 -2.33
N LYS B 266 22.62 -12.23 -2.95
CA LYS B 266 23.85 -12.76 -2.29
C LYS B 266 24.73 -11.59 -1.81
N GLY B 267 24.12 -10.44 -1.51
CA GLY B 267 24.83 -9.30 -0.99
C GLY B 267 25.45 -8.45 -2.08
N VAL B 268 26.46 -7.68 -1.68
CA VAL B 268 27.14 -6.79 -2.62
C VAL B 268 28.00 -7.62 -3.56
N LYS B 269 27.90 -7.32 -4.86
CA LYS B 269 28.73 -7.96 -5.88
C LYS B 269 29.98 -7.12 -6.08
N THR B 270 31.13 -7.67 -5.69
CA THR B 270 32.39 -6.93 -5.80
C THR B 270 32.70 -6.57 -7.25
N SER B 271 32.53 -7.52 -8.16
CA SER B 271 32.80 -7.27 -9.57
C SER B 271 32.01 -8.26 -10.40
N GLY B 272 31.58 -7.81 -11.58
CA GLY B 272 30.81 -8.65 -12.47
C GLY B 272 30.75 -8.05 -13.86
N LYS B 273 30.14 -8.81 -14.78
CA LYS B 273 30.00 -8.37 -16.16
C LYS B 273 29.17 -7.09 -16.25
N VAL B 274 28.25 -6.91 -15.31
CA VAL B 274 27.39 -5.74 -15.31
C VAL B 274 28.21 -4.46 -15.18
N VAL B 275 29.08 -4.42 -14.16
CA VAL B 275 29.95 -3.25 -13.97
C VAL B 275 31.12 -3.21 -14.93
N TRP B 276 31.29 -4.24 -15.76
CA TRP B 276 32.34 -4.26 -16.77
C TRP B 276 31.87 -3.72 -18.11
N ILE B 277 30.65 -4.04 -18.51
CA ILE B 277 30.15 -3.61 -19.81
C ILE B 277 29.61 -2.17 -19.75
N THR B 278 29.20 -1.69 -18.58
CA THR B 278 28.69 -0.34 -18.46
C THR B 278 29.78 0.72 -18.45
N ALA B 279 31.05 0.33 -18.59
CA ALA B 279 32.14 1.29 -18.61
C ALA B 279 32.62 1.61 -20.02
N THR B 280 32.41 0.71 -20.98
CA THR B 280 32.85 0.90 -22.35
C THR B 280 31.70 1.04 -23.35
N LEU B 281 30.60 0.31 -23.15
CA LEU B 281 29.48 0.39 -24.07
C LEU B 281 28.80 1.75 -24.09
N PRO B 282 28.50 2.40 -22.96
CA PRO B 282 27.87 3.73 -23.03
C PRO B 282 28.70 4.76 -23.79
N TYR B 283 30.00 4.83 -23.51
CA TYR B 283 30.85 5.80 -24.20
C TYR B 283 30.93 5.50 -25.68
N PHE B 284 31.03 4.23 -26.05
CA PHE B 284 31.08 3.85 -27.45
C PHE B 284 29.78 4.22 -28.17
N VAL B 285 28.64 3.94 -27.54
CA VAL B 285 27.35 4.27 -28.15
C VAL B 285 27.21 5.78 -28.31
N LEU B 286 27.61 6.54 -27.28
CA LEU B 286 27.52 7.99 -27.37
C LEU B 286 28.43 8.54 -28.46
N PHE B 287 29.63 7.98 -28.60
CA PHE B 287 30.55 8.42 -29.65
C PHE B 287 29.99 8.12 -31.03
N VAL B 288 29.43 6.93 -31.21
CA VAL B 288 28.83 6.56 -32.50
C VAL B 288 27.67 7.49 -32.82
N LEU B 289 26.82 7.78 -31.82
CA LEU B 289 25.69 8.66 -32.03
C LEU B 289 26.14 10.08 -32.38
N LEU B 290 27.21 10.55 -31.74
CA LEU B 290 27.73 11.87 -32.07
C LEU B 290 28.29 11.92 -33.49
N VAL B 291 29.05 10.90 -33.87
CA VAL B 291 29.63 10.86 -35.21
C VAL B 291 28.52 10.78 -36.26
N HIS B 292 27.43 10.08 -35.94
CA HIS B 292 26.31 10.01 -36.87
C HIS B 292 25.56 11.34 -36.94
N GLY B 293 25.37 12.01 -35.80
CA GLY B 293 24.58 13.22 -35.78
C GLY B 293 25.30 14.40 -36.40
N VAL B 294 26.62 14.47 -36.24
CA VAL B 294 27.38 15.58 -36.83
C VAL B 294 27.43 15.53 -38.35
N THR B 295 26.96 14.44 -38.96
CA THR B 295 26.91 14.30 -40.41
C THR B 295 25.48 14.12 -40.91
N LEU B 296 24.50 14.70 -40.22
CA LEU B 296 23.10 14.60 -40.60
C LEU B 296 22.60 15.94 -41.13
N PRO B 297 21.57 15.96 -42.03
CA PRO B 297 20.99 17.22 -42.46
C PRO B 297 20.12 17.82 -41.36
N GLY B 298 20.36 19.09 -41.02
CA GLY B 298 19.55 19.77 -40.00
C GLY B 298 20.19 19.68 -38.63
N ALA B 299 21.17 18.80 -38.46
CA ALA B 299 21.80 18.60 -37.14
C ALA B 299 22.50 19.87 -36.71
N SER B 300 23.07 20.61 -37.67
CA SER B 300 23.78 21.87 -37.34
C SER B 300 22.83 22.84 -36.65
N ASN B 301 21.57 22.89 -37.11
CA ASN B 301 20.56 23.79 -36.51
C ASN B 301 20.38 23.44 -35.02
N GLY B 302 20.34 22.16 -34.69
CA GLY B 302 20.21 21.73 -33.29
C GLY B 302 21.43 22.10 -32.50
N ILE B 303 22.61 21.99 -33.10
CA ILE B 303 23.88 22.40 -32.43
C ILE B 303 23.79 23.89 -32.09
N ASN B 304 23.33 24.71 -33.03
CA ASN B 304 23.20 26.18 -32.79
C ASN B 304 22.19 26.42 -31.66
N ALA B 305 21.11 25.64 -31.61
CA ALA B 305 20.09 25.80 -30.56
C ALA B 305 20.61 25.32 -29.21
N TYR B 306 21.69 24.53 -29.20
CA TYR B 306 22.25 23.98 -27.94
C TYR B 306 23.33 24.92 -27.42
N LEU B 307 23.93 25.70 -28.32
CA LEU B 307 25.06 26.58 -27.91
C LEU B 307 24.54 28.02 -27.76
N HIS B 308 23.23 28.22 -27.86
CA HIS B 308 22.63 29.57 -27.67
C HIS B 308 22.02 29.64 -26.27
N ILE B 309 22.62 30.44 -25.37
CA ILE B 309 22.14 30.52 -23.97
C ILE B 309 21.07 31.62 -23.89
N ASP B 310 19.83 31.25 -23.58
CA ASP B 310 18.74 32.26 -23.40
C ASP B 310 18.72 32.67 -21.92
N PHE B 311 19.16 33.89 -21.62
CA PHE B 311 19.27 34.32 -20.20
C PHE B 311 17.88 34.55 -19.60
N TYR B 312 16.85 34.66 -20.45
CA TYR B 312 15.46 34.80 -19.92
C TYR B 312 15.13 33.51 -19.16
N ARG B 313 15.60 32.36 -19.65
CA ARG B 313 15.37 31.07 -18.96
C ARG B 313 16.08 31.10 -17.60
N LEU B 314 17.28 31.69 -17.56
CA LEU B 314 18.05 31.77 -16.30
C LEU B 314 17.27 32.63 -15.28
N LYS B 315 16.53 33.62 -15.77
CA LYS B 315 15.71 34.48 -14.87
C LYS B 315 14.60 33.63 -14.24
N GLU B 316 14.27 32.48 -14.82
CA GLU B 316 13.28 31.61 -14.22
C GLU B 316 13.92 30.73 -13.14
N ALA B 317 13.06 30.08 -12.36
CA ALA B 317 13.52 29.24 -11.26
C ALA B 317 13.49 27.76 -11.60
N THR B 318 12.68 27.36 -12.59
CA THR B 318 12.54 25.94 -12.93
C THR B 318 13.85 25.35 -13.43
N VAL B 319 14.65 26.16 -14.13
CA VAL B 319 15.91 25.67 -14.69
C VAL B 319 16.87 25.24 -13.58
N TRP B 320 16.97 26.07 -12.53
CA TRP B 320 17.87 25.75 -11.43
C TRP B 320 17.40 24.51 -10.68
N ILE B 321 16.09 24.36 -10.50
CA ILE B 321 15.56 23.18 -9.83
C ILE B 321 15.85 21.93 -10.63
N ASP B 322 15.64 22.00 -11.95
CA ASP B 322 15.93 20.85 -12.80
C ASP B 322 17.42 20.52 -12.80
N ALA B 323 18.27 21.54 -12.81
CA ALA B 323 19.71 21.30 -12.77
C ALA B 323 20.13 20.63 -11.47
N ALA B 324 19.58 21.10 -10.34
CA ALA B 324 19.91 20.50 -9.05
C ALA B 324 19.44 19.05 -8.98
N THR B 325 18.20 18.80 -9.44
CA THR B 325 17.68 17.44 -9.40
C THR B 325 18.48 16.51 -10.30
N GLN B 326 18.89 16.99 -11.49
CA GLN B 326 19.68 16.15 -12.38
C GLN B 326 21.07 15.90 -11.82
N ILE B 327 21.67 16.90 -11.16
CA ILE B 327 22.95 16.71 -10.51
C ILE B 327 22.85 15.64 -9.43
N PHE B 328 21.80 15.72 -8.61
CA PHE B 328 21.64 14.74 -7.53
C PHE B 328 21.32 13.36 -8.07
N PHE B 329 20.63 13.28 -9.20
CA PHE B 329 20.35 11.98 -9.81
C PHE B 329 21.61 11.37 -10.40
N SER B 330 22.42 12.17 -11.09
CA SER B 330 23.62 11.65 -11.75
C SER B 330 24.69 11.28 -10.73
N LEU B 331 24.94 12.15 -9.75
CA LEU B 331 25.95 11.88 -8.74
C LEU B 331 25.49 10.89 -7.68
N GLY B 332 24.17 10.74 -7.50
CA GLY B 332 23.64 9.82 -6.51
C GLY B 332 23.47 10.40 -5.12
N ALA B 333 23.70 11.69 -4.93
CA ALA B 333 23.51 12.31 -3.63
C ALA B 333 22.03 12.51 -3.36
N GLY B 334 21.59 12.13 -2.16
CA GLY B 334 20.20 12.23 -1.78
C GLY B 334 19.40 10.95 -1.85
N PHE B 335 20.05 9.81 -2.16
CA PHE B 335 19.37 8.53 -2.20
C PHE B 335 19.96 7.50 -1.24
N GLY B 336 21.11 7.77 -0.64
CA GLY B 336 21.78 6.82 0.21
C GLY B 336 22.70 5.86 -0.52
N VAL B 337 22.92 6.05 -1.82
CA VAL B 337 23.76 5.14 -2.58
C VAL B 337 25.23 5.43 -2.32
N LEU B 338 25.59 6.70 -2.18
CA LEU B 338 26.99 7.06 -1.98
C LEU B 338 27.50 6.54 -0.63
N ILE B 339 26.68 6.69 0.42
CA ILE B 339 27.09 6.23 1.74
C ILE B 339 27.21 4.71 1.77
N ALA B 340 26.24 4.02 1.16
CA ALA B 340 26.28 2.56 1.11
C ALA B 340 27.48 2.07 0.30
N PHE B 341 27.83 2.80 -0.76
CA PHE B 341 29.00 2.42 -1.55
C PHE B 341 30.28 2.63 -0.78
N ALA B 342 30.41 3.77 -0.09
CA ALA B 342 31.62 4.06 0.66
C ALA B 342 31.72 3.20 1.92
N SER B 343 30.61 2.62 2.39
CA SER B 343 30.67 1.74 3.55
C SER B 343 31.46 0.47 3.29
N TYR B 344 31.62 0.07 2.02
CA TYR B 344 32.37 -1.12 1.65
C TYR B 344 33.71 -0.78 1.00
N ASN B 345 34.16 0.47 1.12
CA ASN B 345 35.44 0.87 0.56
C ASN B 345 36.56 0.68 1.58
N LYS B 346 37.79 0.90 1.13
CA LYS B 346 38.94 0.80 2.02
C LYS B 346 39.10 2.09 2.82
N PHE B 347 39.82 1.98 3.94
CA PHE B 347 40.02 3.13 4.81
C PHE B 347 40.97 4.16 4.21
N ASP B 348 41.76 3.78 3.20
CA ASP B 348 42.68 4.70 2.55
C ASP B 348 42.22 5.13 1.16
N ASN B 349 40.98 4.82 0.78
CA ASN B 349 40.46 5.22 -0.52
C ASN B 349 40.35 6.74 -0.60
N ASN B 350 40.92 7.31 -1.65
CA ASN B 350 40.95 8.76 -1.83
C ASN B 350 39.64 9.21 -2.45
N CYS B 351 38.73 9.67 -1.59
CA CYS B 351 37.44 10.15 -2.08
C CYS B 351 37.57 11.47 -2.83
N TYR B 352 38.66 12.21 -2.60
CA TYR B 352 38.86 13.48 -3.28
C TYR B 352 39.06 13.27 -4.78
N ARG B 353 40.00 12.41 -5.14
CA ARG B 353 40.24 12.09 -6.55
C ARG B 353 39.01 11.47 -7.19
N ASP B 354 38.34 10.57 -6.46
CA ASP B 354 37.13 9.95 -6.98
C ASP B 354 36.06 10.98 -7.29
N ALA B 355 35.86 11.93 -6.37
CA ALA B 355 34.85 12.97 -6.58
C ALA B 355 35.22 13.86 -7.76
N LEU B 356 36.49 14.26 -7.85
CA LEU B 356 36.93 15.10 -8.97
C LEU B 356 36.69 14.40 -10.30
N LEU B 357 37.14 13.14 -10.41
CA LEU B 357 36.99 12.40 -11.66
C LEU B 357 35.52 12.17 -11.99
N THR B 358 34.71 11.83 -10.99
CA THR B 358 33.29 11.62 -11.22
C THR B 358 32.62 12.88 -11.73
N SER B 359 32.90 14.02 -11.09
CA SER B 359 32.28 15.27 -11.52
C SER B 359 32.72 15.64 -12.93
N SER B 360 34.01 15.51 -13.23
CA SER B 360 34.50 15.88 -14.55
C SER B 360 33.91 14.99 -15.64
N ILE B 361 33.94 13.68 -15.43
CA ILE B 361 33.42 12.76 -16.44
C ILE B 361 31.92 12.93 -16.59
N ASN B 362 31.21 13.18 -15.49
CA ASN B 362 29.76 13.39 -15.58
C ASN B 362 29.43 14.65 -16.36
N CYS B 363 30.19 15.73 -16.13
CA CYS B 363 29.97 16.96 -16.88
C CYS B 363 30.24 16.76 -18.36
N ILE B 364 31.34 16.08 -18.69
CA ILE B 364 31.67 15.84 -20.10
C ILE B 364 30.61 14.98 -20.76
N THR B 365 30.16 13.94 -20.05
CA THR B 365 29.15 13.04 -20.60
C THR B 365 27.82 13.76 -20.81
N SER B 366 27.43 14.60 -19.85
CA SER B 366 26.20 15.37 -20.01
C SER B 366 26.30 16.33 -21.19
N PHE B 367 27.46 16.99 -21.35
CA PHE B 367 27.64 17.92 -22.46
C PHE B 367 27.52 17.20 -23.80
N VAL B 368 28.23 16.07 -23.95
CA VAL B 368 28.21 15.36 -25.24
C VAL B 368 26.84 14.74 -25.48
N SER B 369 26.15 14.31 -24.42
CA SER B 369 24.81 13.75 -24.58
C SER B 369 23.82 14.81 -25.03
N GLY B 370 23.89 16.00 -24.43
CA GLY B 370 23.04 17.10 -24.87
C GLY B 370 23.34 17.51 -26.30
N PHE B 371 24.62 17.53 -26.67
CA PHE B 371 25.00 17.86 -28.04
C PHE B 371 24.41 16.85 -29.02
N ALA B 372 24.54 15.56 -28.73
CA ALA B 372 23.99 14.54 -29.61
C ALA B 372 22.47 14.62 -29.67
N ILE B 373 21.83 14.89 -28.53
CA ILE B 373 20.37 14.98 -28.49
C ILE B 373 19.90 16.15 -29.35
N PHE B 374 20.57 17.29 -29.26
CA PHE B 374 20.17 18.44 -30.06
C PHE B 374 20.49 18.23 -31.53
N SER B 375 21.55 17.49 -31.86
CA SER B 375 21.82 17.15 -33.25
C SER B 375 20.70 16.27 -33.82
N ILE B 376 20.27 15.27 -33.06
CA ILE B 376 19.19 14.41 -33.51
C ILE B 376 17.89 15.20 -33.62
N LEU B 377 17.66 16.14 -32.69
CA LEU B 377 16.47 16.98 -32.77
C LEU B 377 16.48 17.84 -34.01
N GLY B 378 17.63 18.43 -34.34
CA GLY B 378 17.72 19.22 -35.56
C GLY B 378 17.52 18.37 -36.81
N TYR B 379 18.07 17.15 -36.82
CA TYR B 379 17.86 16.25 -37.94
C TYR B 379 16.38 15.92 -38.11
N MET B 380 15.70 15.62 -37.01
CA MET B 380 14.28 15.28 -37.09
C MET B 380 13.46 16.49 -37.51
N ALA B 381 13.85 17.69 -37.05
CA ALA B 381 13.14 18.90 -37.44
C ALA B 381 13.31 19.18 -38.93
N HIS B 382 14.51 18.92 -39.47
CA HIS B 382 14.73 19.10 -40.89
C HIS B 382 13.96 18.06 -41.71
N GLU B 383 13.93 16.81 -41.23
CA GLU B 383 13.22 15.76 -41.96
C GLU B 383 11.71 15.95 -41.91
N HIS B 384 11.20 16.54 -40.84
CA HIS B 384 9.77 16.72 -40.65
C HIS B 384 9.29 18.13 -40.96
N LYS B 385 10.20 19.08 -41.17
CA LYS B 385 9.85 20.47 -41.49
C LYS B 385 9.06 21.12 -40.36
N VAL B 386 9.45 20.84 -39.12
CA VAL B 386 8.83 21.42 -37.93
C VAL B 386 9.92 22.14 -37.14
N ASN B 387 9.48 22.95 -36.17
CA ASN B 387 10.41 23.65 -35.30
C ASN B 387 11.03 22.70 -34.30
N ILE B 388 12.26 23.02 -33.88
CA ILE B 388 12.99 22.17 -32.95
C ILE B 388 12.27 22.12 -31.60
N GLU B 389 11.65 23.22 -31.18
CA GLU B 389 10.96 23.25 -29.90
C GLU B 389 9.66 22.44 -29.91
N ASP B 390 9.17 22.09 -31.09
CA ASP B 390 7.91 21.36 -31.21
C ASP B 390 8.03 20.07 -32.03
N VAL B 391 9.25 19.65 -32.38
CA VAL B 391 9.39 18.44 -33.19
C VAL B 391 9.24 17.19 -32.34
N ALA B 392 9.61 17.24 -31.06
CA ALA B 392 9.55 16.09 -30.18
C ALA B 392 8.93 16.49 -28.85
N THR B 393 8.73 15.48 -27.99
CA THR B 393 8.11 15.70 -26.70
C THR B 393 9.13 16.14 -25.66
N GLU B 394 8.62 16.50 -24.48
CA GLU B 394 9.44 16.93 -23.35
C GLU B 394 9.17 16.05 -22.13
N GLY B 395 8.94 14.76 -22.35
CA GLY B 395 8.66 13.85 -21.26
C GLY B 395 9.75 12.82 -21.04
N ALA B 396 9.45 11.80 -20.23
CA ALA B 396 10.44 10.76 -19.94
C ALA B 396 10.69 9.84 -21.12
N GLY B 397 9.91 9.94 -22.19
CA GLY B 397 10.09 9.14 -23.38
C GLY B 397 10.77 9.85 -24.54
N LEU B 398 11.59 10.86 -24.27
CA LEU B 398 12.22 11.60 -25.37
C LEU B 398 13.30 10.77 -26.04
N VAL B 399 14.14 10.08 -25.25
CA VAL B 399 15.22 9.30 -25.83
C VAL B 399 14.71 8.14 -26.68
N PHE B 400 13.61 7.50 -26.27
CA PHE B 400 13.02 6.40 -27.02
C PHE B 400 12.36 6.84 -28.31
N ILE B 401 12.45 8.12 -28.64
CA ILE B 401 11.96 8.66 -29.91
C ILE B 401 13.11 9.22 -30.75
N LEU B 402 14.07 9.88 -30.10
CA LEU B 402 15.20 10.45 -30.83
C LEU B 402 16.20 9.36 -31.22
N TYR B 403 16.59 8.52 -30.26
CA TYR B 403 17.63 7.53 -30.52
C TYR B 403 17.21 6.45 -31.52
N PRO B 404 16.00 5.88 -31.45
CA PRO B 404 15.62 4.88 -32.48
C PRO B 404 15.64 5.43 -33.90
N GLU B 405 15.15 6.65 -34.12
CA GLU B 405 15.17 7.21 -35.46
C GLU B 405 16.59 7.49 -35.92
N ALA B 406 17.47 7.86 -35.00
CA ALA B 406 18.88 8.06 -35.35
C ALA B 406 19.54 6.75 -35.74
N ILE B 407 19.21 5.67 -35.01
CA ILE B 407 19.77 4.37 -35.34
C ILE B 407 19.23 3.88 -36.68
N SER B 408 17.97 4.18 -36.97
CA SER B 408 17.36 3.73 -38.22
C SER B 408 18.07 4.31 -39.44
N THR B 409 18.70 5.48 -39.30
CA THR B 409 19.42 6.08 -40.41
C THR B 409 20.78 5.44 -40.63
N LEU B 410 21.40 4.91 -39.59
CA LEU B 410 22.70 4.26 -39.72
C LEU B 410 22.59 2.96 -40.50
N SER B 411 23.67 2.59 -41.17
CA SER B 411 23.73 1.32 -41.88
C SER B 411 23.71 0.16 -40.88
N GLY B 412 22.88 -0.84 -41.17
CA GLY B 412 22.69 -1.94 -40.25
C GLY B 412 22.00 -1.49 -38.99
N SER B 413 20.76 -0.99 -39.14
CA SER B 413 20.03 -0.42 -38.01
C SER B 413 19.75 -1.48 -36.95
N THR B 414 19.59 -2.74 -37.36
CA THR B 414 19.26 -3.80 -36.42
C THR B 414 20.37 -4.01 -35.39
N PHE B 415 21.61 -4.14 -35.86
CA PHE B 415 22.72 -4.39 -34.94
C PHE B 415 22.92 -3.23 -33.98
N TRP B 416 22.91 -2.00 -34.51
CA TRP B 416 23.11 -0.84 -33.65
C TRP B 416 21.97 -0.68 -32.65
N ALA B 417 20.73 -0.96 -33.08
CA ALA B 417 19.60 -0.89 -32.17
C ALA B 417 19.72 -1.94 -31.06
N VAL B 418 20.13 -3.15 -31.42
CA VAL B 418 20.31 -4.21 -30.42
C VAL B 418 21.39 -3.80 -29.42
N VAL B 419 22.52 -3.27 -29.91
CA VAL B 419 23.60 -2.87 -29.02
C VAL B 419 23.14 -1.74 -28.10
N PHE B 420 22.43 -0.75 -28.64
CA PHE B 420 21.97 0.37 -27.85
C PHE B 420 20.98 -0.07 -26.77
N PHE B 421 20.06 -0.97 -27.12
CA PHE B 421 19.10 -1.47 -26.15
C PHE B 421 19.75 -2.34 -25.08
N VAL B 422 20.76 -3.14 -25.45
CA VAL B 422 21.50 -3.91 -24.44
C VAL B 422 22.25 -2.97 -23.51
N MET B 423 22.77 -1.88 -24.08
CA MET B 423 23.53 -0.88 -23.29
C MET B 423 22.60 -0.18 -22.29
N LEU B 424 21.50 0.40 -22.76
CA LEU B 424 20.64 1.20 -21.83
C LEU B 424 19.90 0.25 -20.89
N LEU B 425 19.70 -1.01 -21.28
CA LEU B 425 19.09 -2.00 -20.36
C LEU B 425 20.10 -2.32 -19.25
N ALA B 426 21.38 -2.50 -19.61
CA ALA B 426 22.43 -2.78 -18.62
C ALA B 426 22.61 -1.57 -17.70
N LEU B 427 22.65 -0.36 -18.27
CA LEU B 427 22.81 0.87 -17.46
C LEU B 427 21.64 0.97 -16.47
N GLY B 428 20.42 0.71 -16.94
CA GLY B 428 19.24 0.75 -16.06
C GLY B 428 19.36 -0.27 -14.95
N LEU B 429 19.79 -1.49 -15.27
CA LEU B 429 19.89 -2.57 -14.24
C LEU B 429 20.93 -2.18 -13.19
N ASP B 430 22.10 -1.69 -13.61
CA ASP B 430 23.16 -1.27 -12.66
C ASP B 430 22.64 -0.13 -11.79
N SER B 431 21.94 0.84 -12.39
CA SER B 431 21.40 2.00 -11.65
C SER B 431 20.38 1.51 -10.59
N SER B 432 19.48 0.62 -10.97
CA SER B 432 18.45 0.10 -10.03
C SER B 432 19.11 -0.79 -8.98
N MET B 433 20.05 -1.66 -9.38
CA MET B 433 20.77 -2.51 -8.40
C MET B 433 21.35 -1.60 -7.32
N GLY B 434 22.22 -0.67 -7.72
CA GLY B 434 22.79 0.28 -6.78
C GLY B 434 21.76 0.82 -5.80
N GLY B 435 20.61 1.25 -6.31
CA GLY B 435 19.57 1.78 -5.43
C GLY B 435 19.04 0.76 -4.45
N MET B 436 18.70 -0.44 -4.95
CA MET B 436 18.19 -1.49 -4.07
C MET B 436 19.24 -1.91 -3.04
N GLU B 437 20.51 -1.97 -3.44
CA GLU B 437 21.56 -2.33 -2.51
C GLU B 437 21.73 -1.26 -1.43
N ALA B 438 21.62 0.01 -1.81
CA ALA B 438 21.67 1.08 -0.83
C ALA B 438 20.53 0.95 0.18
N VAL B 439 19.32 0.73 -0.32
CA VAL B 439 18.16 0.61 0.57
C VAL B 439 18.34 -0.59 1.51
N ILE B 440 18.75 -1.72 0.96
CA ILE B 440 18.89 -2.95 1.77
C ILE B 440 20.00 -2.78 2.79
N THR B 441 21.11 -2.14 2.39
CA THR B 441 22.22 -1.92 3.33
C THR B 441 21.80 -1.01 4.47
N GLY B 442 21.07 0.06 4.15
CA GLY B 442 20.58 0.94 5.21
C GLY B 442 19.66 0.24 6.16
N LEU B 443 18.68 -0.50 5.62
CA LEU B 443 17.70 -1.16 6.49
C LEU B 443 18.32 -2.32 7.26
N ALA B 444 19.40 -2.91 6.74
CA ALA B 444 20.07 -3.99 7.44
C ALA B 444 21.00 -3.45 8.53
N ASP B 445 21.65 -2.32 8.29
CA ASP B 445 22.40 -1.68 9.36
C ASP B 445 21.47 -1.15 10.45
N ASP B 446 20.23 -0.81 10.07
CA ASP B 446 19.24 -0.43 11.08
C ASP B 446 18.71 -1.66 11.82
N PHE B 447 18.35 -2.71 11.08
CA PHE B 447 17.82 -3.95 11.66
C PHE B 447 18.76 -5.09 11.29
N GLN B 448 19.50 -5.60 12.29
CA GLN B 448 20.48 -6.65 12.04
C GLN B 448 19.83 -7.96 11.62
N VAL B 449 18.52 -8.11 11.81
CA VAL B 449 17.84 -9.33 11.36
C VAL B 449 17.92 -9.45 9.84
N LEU B 450 17.91 -8.31 9.15
CA LEU B 450 18.04 -8.34 7.70
C LEU B 450 19.41 -8.81 7.25
N LYS B 451 20.46 -8.55 8.04
CA LYS B 451 21.79 -9.03 7.67
C LYS B 451 21.82 -10.55 7.58
N ARG B 452 20.90 -11.23 8.24
CA ARG B 452 20.77 -12.68 8.17
C ARG B 452 19.67 -13.13 7.21
N HIS B 453 18.61 -12.33 7.04
CA HIS B 453 17.48 -12.71 6.20
C HIS B 453 17.52 -12.00 4.86
N ARG B 454 18.73 -11.58 4.45
CA ARG B 454 18.95 -10.90 3.17
C ARG B 454 18.08 -11.44 2.05
N LYS B 455 17.99 -12.76 1.90
CA LYS B 455 17.26 -13.34 0.78
C LYS B 455 15.78 -12.96 0.84
N LEU B 456 15.13 -13.26 1.96
CA LEU B 456 13.69 -12.96 2.08
C LEU B 456 13.44 -11.46 2.06
N PHE B 457 14.35 -10.67 2.62
CA PHE B 457 14.17 -9.21 2.62
C PHE B 457 14.25 -8.66 1.22
N THR B 458 15.24 -9.10 0.43
CA THR B 458 15.34 -8.66 -0.96
C THR B 458 14.13 -9.13 -1.76
N PHE B 459 13.65 -10.34 -1.51
CA PHE B 459 12.46 -10.84 -2.18
C PHE B 459 11.26 -9.93 -1.89
N GLY B 460 11.05 -9.60 -0.61
CA GLY B 460 9.94 -8.74 -0.26
C GLY B 460 10.06 -7.35 -0.84
N VAL B 461 11.27 -6.79 -0.83
CA VAL B 461 11.48 -5.46 -1.38
C VAL B 461 11.18 -5.45 -2.88
N THR B 462 11.68 -6.45 -3.60
CA THR B 462 11.43 -6.52 -5.04
C THR B 462 9.94 -6.74 -5.32
N PHE B 463 9.27 -7.55 -4.49
CA PHE B 463 7.84 -7.79 -4.70
C PHE B 463 7.04 -6.53 -4.47
N SER B 464 7.36 -5.78 -3.42
CA SER B 464 6.66 -4.52 -3.16
C SER B 464 6.93 -3.50 -4.26
N THR B 465 8.18 -3.44 -4.74
CA THR B 465 8.50 -2.54 -5.83
C THR B 465 7.72 -2.90 -7.09
N PHE B 466 7.62 -4.19 -7.38
CA PHE B 466 6.83 -4.64 -8.54
C PHE B 466 5.37 -4.26 -8.39
N LEU B 467 4.80 -4.51 -7.20
CA LEU B 467 3.39 -4.19 -6.97
C LEU B 467 3.13 -2.70 -7.14
N LEU B 468 4.00 -1.85 -6.57
CA LEU B 468 3.77 -0.41 -6.66
C LEU B 468 4.20 0.17 -8.00
N ALA B 469 4.96 -0.58 -8.80
CA ALA B 469 5.29 -0.15 -10.16
C ALA B 469 4.28 -0.64 -11.19
N LEU B 470 3.39 -1.57 -10.79
CA LEU B 470 2.33 -2.00 -11.72
C LEU B 470 1.53 -0.78 -12.18
N PHE B 471 1.59 0.32 -11.42
CA PHE B 471 0.84 1.56 -11.75
C PHE B 471 1.44 2.23 -12.97
N CYS B 472 2.76 2.17 -13.13
CA CYS B 472 3.43 2.90 -14.23
C CYS B 472 3.44 2.08 -15.53
N ILE B 473 3.11 0.78 -15.44
CA ILE B 473 3.04 -0.06 -16.68
C ILE B 473 1.57 -0.13 -17.14
N THR B 474 0.72 0.75 -16.61
CA THR B 474 -0.70 0.79 -17.03
C THR B 474 -0.79 1.63 -18.30
N LYS B 475 -1.98 1.72 -18.90
CA LYS B 475 -2.16 2.49 -20.17
C LYS B 475 -1.80 3.96 -19.92
N GLY B 476 -2.20 4.52 -18.77
CA GLY B 476 -1.86 5.91 -18.43
C GLY B 476 -0.78 5.94 -17.38
N GLY B 477 0.15 4.99 -17.43
CA GLY B 477 1.21 4.89 -16.43
C GLY B 477 2.30 5.92 -16.59
N ILE B 478 2.43 6.51 -17.79
CA ILE B 478 3.44 7.54 -17.99
C ILE B 478 3.13 8.77 -17.15
N TYR B 479 1.83 9.03 -16.92
CA TYR B 479 1.45 10.15 -16.06
C TYR B 479 1.92 9.94 -14.63
N VAL B 480 1.69 8.74 -14.09
CA VAL B 480 2.15 8.43 -12.73
C VAL B 480 3.66 8.44 -12.67
N LEU B 481 4.32 7.97 -13.74
CA LEU B 481 5.78 7.99 -13.77
C LEU B 481 6.32 9.41 -13.74
N THR B 482 5.71 10.32 -14.50
CA THR B 482 6.12 11.72 -14.46
C THR B 482 5.84 12.34 -13.10
N LEU B 483 4.70 12.00 -12.50
CA LEU B 483 4.38 12.50 -11.17
C LEU B 483 5.42 12.07 -10.15
N LEU B 484 5.85 10.81 -10.22
CA LEU B 484 6.88 10.33 -9.30
C LEU B 484 8.23 10.99 -9.58
N ASP B 485 8.62 11.08 -10.85
CA ASP B 485 9.90 11.70 -11.21
C ASP B 485 9.93 13.19 -10.89
N THR B 486 8.78 13.84 -10.73
CA THR B 486 8.73 15.26 -10.42
C THR B 486 8.54 15.56 -8.94
N PHE B 487 7.80 14.74 -8.20
CA PHE B 487 7.50 15.02 -6.81
C PHE B 487 8.19 14.10 -5.81
N ALA B 488 8.35 12.82 -6.13
CA ALA B 488 8.96 11.89 -5.18
C ALA B 488 10.44 12.21 -4.98
N ALA B 489 11.11 12.71 -6.03
CA ALA B 489 12.52 13.07 -5.98
C ALA B 489 12.68 14.51 -6.47
N GLY B 490 11.81 15.38 -6.00
CA GLY B 490 11.85 16.78 -6.36
C GLY B 490 12.38 17.65 -5.23
N THR B 491 11.47 18.33 -4.52
CA THR B 491 11.88 19.14 -3.38
C THR B 491 12.24 18.27 -2.18
N SER B 492 11.77 17.01 -2.17
CA SER B 492 12.05 16.12 -1.05
C SER B 492 13.54 15.82 -0.94
N ILE B 493 14.18 15.49 -2.06
CA ILE B 493 15.60 15.19 -2.03
C ILE B 493 16.42 16.44 -1.73
N LEU B 494 15.94 17.61 -2.19
CA LEU B 494 16.62 18.85 -1.86
C LEU B 494 16.57 19.12 -0.36
N PHE B 495 15.41 18.94 0.26
CA PHE B 495 15.30 19.10 1.71
C PHE B 495 16.15 18.07 2.43
N ALA B 496 16.22 16.84 1.91
CA ALA B 496 17.02 15.81 2.55
C ALA B 496 18.49 16.16 2.54
N VAL B 497 19.01 16.58 1.38
CA VAL B 497 20.43 16.92 1.31
C VAL B 497 20.73 18.20 2.09
N LEU B 498 19.76 19.12 2.16
CA LEU B 498 19.95 20.30 3.01
C LEU B 498 20.06 19.92 4.48
N MET B 499 19.18 19.03 4.95
CA MET B 499 19.27 18.56 6.32
C MET B 499 20.57 17.81 6.56
N GLU B 500 21.03 17.04 5.56
CA GLU B 500 22.31 16.35 5.70
C GLU B 500 23.46 17.33 5.87
N ALA B 501 23.49 18.36 5.02
CA ALA B 501 24.55 19.36 5.11
C ALA B 501 24.50 20.10 6.43
N ILE B 502 23.29 20.41 6.91
CA ILE B 502 23.16 21.12 8.18
C ILE B 502 23.62 20.24 9.33
N GLY B 503 23.29 18.94 9.29
CA GLY B 503 23.68 18.05 10.36
C GLY B 503 25.16 17.71 10.37
N VAL B 504 25.80 17.74 9.21
CA VAL B 504 27.22 17.42 9.11
C VAL B 504 28.09 18.64 9.40
N SER B 505 27.75 19.80 8.82
CA SER B 505 28.62 20.96 8.92
C SER B 505 28.37 21.78 10.18
N TRP B 506 27.13 21.83 10.66
CA TRP B 506 26.77 22.65 11.80
C TRP B 506 26.61 21.86 13.09
N PHE B 507 25.79 20.81 13.08
CA PHE B 507 25.60 20.02 14.30
C PHE B 507 26.81 19.15 14.60
N TYR B 508 27.29 18.39 13.60
CA TYR B 508 28.48 17.58 13.81
C TYR B 508 29.74 18.43 13.82
N GLY B 509 29.79 19.44 12.95
CA GLY B 509 30.93 20.34 12.89
C GLY B 509 31.88 20.02 11.76
N VAL B 510 32.36 21.06 11.07
CA VAL B 510 33.31 20.86 9.97
C VAL B 510 34.69 20.47 10.46
N ASP B 511 35.05 20.81 11.70
CA ASP B 511 36.37 20.46 12.22
C ASP B 511 36.51 18.96 12.43
N ARG B 512 35.50 18.32 13.02
CA ARG B 512 35.55 16.87 13.22
C ARG B 512 35.56 16.14 11.88
N PHE B 513 34.78 16.64 10.91
CA PHE B 513 34.76 16.02 9.59
C PHE B 513 36.11 16.17 8.90
N SER B 514 36.75 17.34 9.02
CA SER B 514 38.06 17.54 8.44
C SER B 514 39.10 16.66 9.12
N ASN B 515 38.98 16.47 10.43
CA ASN B 515 39.91 15.57 11.13
C ASN B 515 39.72 14.13 10.69
N ASP B 516 38.47 13.71 10.48
CA ASP B 516 38.22 12.36 9.98
C ASP B 516 38.80 12.19 8.58
N ILE B 517 38.63 13.20 7.72
CA ILE B 517 39.19 13.13 6.38
C ILE B 517 40.72 13.07 6.44
N GLN B 518 41.32 13.83 7.36
CA GLN B 518 42.77 13.81 7.51
C GLN B 518 43.28 12.46 8.00
N GLN B 519 42.56 11.84 8.94
CA GLN B 519 42.97 10.53 9.46
C GLN B 519 42.65 9.40 8.49
N MET B 520 41.76 9.61 7.52
CA MET B 520 41.47 8.60 6.51
C MET B 520 42.39 8.69 5.30
N MET B 521 42.46 9.86 4.66
CA MET B 521 43.19 10.02 3.41
C MET B 521 44.53 10.72 3.57
N GLY B 522 44.84 11.25 4.75
CA GLY B 522 46.14 11.85 4.98
C GLY B 522 46.24 13.33 4.70
N PHE B 523 45.12 14.02 4.54
CA PHE B 523 45.14 15.46 4.29
C PHE B 523 43.80 16.06 4.67
N ARG B 524 43.83 17.33 5.08
CA ARG B 524 42.62 18.07 5.44
C ARG B 524 42.06 18.78 4.22
N PRO B 525 40.74 18.91 4.11
CA PRO B 525 40.16 19.64 2.98
C PRO B 525 40.54 21.11 3.02
N GLY B 526 40.62 21.72 1.84
CA GLY B 526 40.95 23.12 1.74
C GLY B 526 39.83 24.02 2.24
N LEU B 527 40.11 25.33 2.21
CA LEU B 527 39.11 26.31 2.63
C LEU B 527 37.88 26.26 1.74
N TYR B 528 38.06 26.00 0.45
CA TYR B 528 36.95 25.96 -0.48
C TYR B 528 35.95 24.88 -0.11
N TRP B 529 36.43 23.67 0.16
CA TRP B 529 35.53 22.56 0.47
C TRP B 529 34.76 22.81 1.76
N ARG B 530 35.45 23.32 2.78
CA ARG B 530 34.77 23.56 4.06
C ARG B 530 33.77 24.71 3.94
N LEU B 531 34.12 25.76 3.22
CA LEU B 531 33.18 26.87 3.02
C LEU B 531 31.97 26.43 2.21
N CYS B 532 32.17 25.51 1.27
CA CYS B 532 31.03 24.97 0.53
C CYS B 532 30.15 24.10 1.41
N TRP B 533 30.77 23.20 2.18
CA TRP B 533 30.00 22.29 3.04
C TRP B 533 29.24 23.07 4.10
N LYS B 534 29.78 24.19 4.58
CA LYS B 534 29.17 24.90 5.69
C LYS B 534 28.28 26.06 5.24
N PHE B 535 28.71 26.83 4.24
CA PHE B 535 28.01 28.04 3.86
C PHE B 535 27.41 27.96 2.46
N VAL B 536 28.20 27.64 1.44
CA VAL B 536 27.74 27.77 0.05
C VAL B 536 26.64 26.77 -0.24
N SER B 537 26.94 25.48 -0.08
CA SER B 537 25.97 24.43 -0.43
C SER B 537 24.69 24.50 0.39
N PRO B 538 24.74 24.67 1.72
CA PRO B 538 23.46 24.80 2.46
C PRO B 538 22.65 26.00 2.03
N ALA B 539 23.30 27.14 1.77
CA ALA B 539 22.57 28.33 1.33
C ALA B 539 21.91 28.10 -0.01
N PHE B 540 22.63 27.49 -0.95
CA PHE B 540 22.06 27.23 -2.27
C PHE B 540 20.94 26.20 -2.20
N LEU B 541 21.07 25.21 -1.32
CA LEU B 541 20.00 24.22 -1.15
C LEU B 541 18.75 24.87 -0.56
N LEU B 542 18.93 25.74 0.43
CA LEU B 542 17.79 26.47 0.98
C LEU B 542 17.15 27.34 -0.09
N PHE B 543 17.97 27.98 -0.94
CA PHE B 543 17.44 28.82 -1.99
C PHE B 543 16.63 28.03 -2.99
N VAL B 544 17.13 26.86 -3.42
CA VAL B 544 16.41 26.08 -4.40
C VAL B 544 15.14 25.49 -3.78
N VAL B 545 15.17 25.15 -2.49
CA VAL B 545 13.96 24.68 -1.81
C VAL B 545 12.92 25.79 -1.77
N VAL B 546 13.37 27.02 -1.49
CA VAL B 546 12.43 28.15 -1.42
C VAL B 546 11.81 28.42 -2.79
N VAL B 547 12.63 28.41 -3.84
CA VAL B 547 12.10 28.71 -5.17
C VAL B 547 11.28 27.54 -5.69
N SER B 548 11.47 26.34 -5.14
CA SER B 548 10.62 25.21 -5.51
C SER B 548 9.27 25.29 -4.82
N ILE B 549 9.25 25.66 -3.55
CA ILE B 549 8.00 25.70 -2.79
C ILE B 549 7.16 26.92 -3.18
N ILE B 550 7.79 28.10 -3.24
CA ILE B 550 7.03 29.33 -3.50
C ILE B 550 6.64 29.41 -4.96
N ASN B 551 7.59 29.14 -5.86
CA ASN B 551 7.37 29.27 -7.30
C ASN B 551 7.05 27.93 -7.95
N PHE B 552 6.31 27.07 -7.24
CA PHE B 552 5.92 25.78 -7.81
C PHE B 552 4.99 25.98 -9.00
N LYS B 553 5.26 25.25 -10.07
CA LYS B 553 4.45 25.27 -11.28
C LYS B 553 3.61 24.01 -11.36
N PRO B 554 2.37 24.09 -11.85
CA PRO B 554 1.54 22.88 -11.96
C PRO B 554 2.12 21.89 -12.96
N LEU B 555 2.21 20.63 -12.54
CA LEU B 555 2.77 19.60 -13.39
C LEU B 555 1.90 19.38 -14.63
N THR B 556 2.56 19.34 -15.79
CA THR B 556 1.85 19.15 -17.06
C THR B 556 2.66 18.20 -17.93
N TYR B 557 1.96 17.42 -18.74
CA TYR B 557 2.57 16.52 -19.71
C TYR B 557 2.79 17.31 -20.99
N ASP B 558 3.10 16.61 -22.08
CA ASP B 558 3.28 17.22 -23.40
C ASP B 558 2.03 18.02 -23.72
N ASP B 559 0.85 17.42 -23.75
CA ASP B 559 -0.38 18.18 -23.97
C ASP B 559 -1.41 17.96 -22.86
N TYR B 560 -1.25 16.90 -22.07
CA TYR B 560 -2.18 16.62 -20.98
C TYR B 560 -1.80 17.45 -19.75
N ILE B 561 -2.80 18.11 -19.15
CA ILE B 561 -2.62 18.91 -17.95
C ILE B 561 -3.12 18.09 -16.77
N PHE B 562 -2.28 17.96 -15.74
CA PHE B 562 -2.66 17.22 -14.56
C PHE B 562 -3.66 18.02 -13.72
N PRO B 563 -4.69 17.36 -13.19
CA PRO B 563 -5.65 18.06 -12.36
C PRO B 563 -5.02 18.50 -11.05
N PRO B 564 -5.64 19.43 -10.34
CA PRO B 564 -5.07 19.87 -9.05
C PRO B 564 -4.91 18.76 -8.03
N TRP B 565 -5.82 17.79 -8.01
CA TRP B 565 -5.70 16.71 -7.04
C TRP B 565 -4.47 15.86 -7.32
N ALA B 566 -4.04 15.75 -8.58
CA ALA B 566 -2.80 15.06 -8.88
C ALA B 566 -1.60 15.80 -8.27
N ASN B 567 -1.60 17.13 -8.37
CA ASN B 567 -0.54 17.91 -7.74
C ASN B 567 -0.57 17.77 -6.22
N TRP B 568 -1.77 17.70 -5.64
CA TRP B 568 -1.88 17.50 -4.21
C TRP B 568 -1.35 16.13 -3.79
N VAL B 569 -1.64 15.10 -4.58
CA VAL B 569 -1.10 13.77 -4.29
C VAL B 569 0.41 13.76 -4.41
N GLY B 570 0.95 14.46 -5.42
CA GLY B 570 2.39 14.54 -5.55
C GLY B 570 3.04 15.25 -4.37
N TRP B 571 2.45 16.36 -3.95
CA TRP B 571 2.96 17.07 -2.77
C TRP B 571 2.85 16.21 -1.52
N GLY B 572 1.79 15.41 -1.40
CA GLY B 572 1.68 14.53 -0.26
C GLY B 572 2.73 13.43 -0.27
N ILE B 573 3.03 12.90 -1.46
CA ILE B 573 4.08 11.89 -1.58
C ILE B 573 5.43 12.50 -1.21
N ALA B 574 5.68 13.74 -1.63
CA ALA B 574 6.92 14.42 -1.26
C ALA B 574 6.98 14.65 0.25
N LEU B 575 5.87 15.10 0.84
CA LEU B 575 5.85 15.35 2.28
C LEU B 575 6.01 14.06 3.07
N SER B 576 5.58 12.92 2.52
CA SER B 576 5.77 11.64 3.18
C SER B 576 7.25 11.41 3.50
N SER B 577 8.13 11.79 2.59
CA SER B 577 9.56 11.67 2.84
C SER B 577 10.08 12.88 3.61
N MET B 578 9.53 14.06 3.37
CA MET B 578 10.06 15.27 4.00
C MET B 578 9.83 15.27 5.51
N VAL B 579 8.64 14.89 5.96
CA VAL B 579 8.29 15.01 7.37
C VAL B 579 8.90 13.90 8.21
N LEU B 580 9.67 13.01 7.59
CA LEU B 580 10.32 11.90 8.34
C LEU B 580 11.44 12.49 9.23
N VAL B 581 11.98 13.64 8.84
CA VAL B 581 13.02 14.32 9.66
C VAL B 581 12.38 14.85 10.95
N PRO B 582 11.31 15.68 10.89
CA PRO B 582 10.64 16.15 12.10
C PRO B 582 10.09 15.01 12.94
N ILE B 583 9.37 14.08 12.30
CA ILE B 583 8.73 12.95 13.05
C ILE B 583 9.81 12.23 13.87
N TYR B 584 11.00 12.07 13.29
CA TYR B 584 12.06 11.30 14.00
C TYR B 584 12.59 12.10 15.19
N VAL B 585 12.78 13.41 15.02
CA VAL B 585 13.26 14.26 16.15
C VAL B 585 12.23 14.15 17.29
N ILE B 586 10.94 14.14 16.97
CA ILE B 586 9.88 13.97 18.01
C ILE B 586 10.06 12.60 18.67
N TYR B 587 10.19 11.53 17.88
CA TYR B 587 10.33 10.16 18.41
C TYR B 587 11.56 10.07 19.32
N LYS B 588 12.67 10.66 18.90
CA LYS B 588 13.94 10.56 19.68
C LYS B 588 13.79 11.35 20.99
N PHE B 589 13.05 12.45 20.96
CA PHE B 589 12.86 13.29 22.13
C PHE B 589 11.97 12.61 23.16
N LEU B 590 10.95 11.88 22.70
CA LEU B 590 10.04 11.22 23.63
C LEU B 590 10.65 9.92 24.17
N SER B 591 11.42 9.21 23.35
CA SER B 591 12.02 7.95 23.78
C SER B 591 13.23 8.14 24.68
N THR B 592 13.74 9.36 24.80
CA THR B 592 14.88 9.64 25.67
C THR B 592 14.40 10.03 27.05
N GLN B 593 14.93 9.37 28.08
CA GLN B 593 14.56 9.63 29.46
C GLN B 593 15.50 10.65 30.07
N GLY B 594 14.93 11.72 30.59
CA GLY B 594 15.73 12.77 31.20
C GLY B 594 15.10 14.13 30.94
N SER B 595 15.76 15.15 31.50
CA SER B 595 15.30 16.52 31.33
C SER B 595 15.58 17.01 29.91
N LEU B 596 15.06 18.19 29.61
CA LEU B 596 15.24 18.81 28.29
C LEU B 596 16.72 18.90 27.92
N TRP B 597 17.56 19.29 28.89
CA TRP B 597 18.99 19.37 28.65
C TRP B 597 19.55 18.01 28.24
N GLU B 598 19.23 16.97 29.02
CA GLU B 598 19.76 15.64 28.72
C GLU B 598 19.19 15.10 27.41
N ARG B 599 17.91 15.37 27.13
CA ARG B 599 17.32 14.93 25.87
C ARG B 599 18.02 15.56 24.68
N LEU B 600 18.21 16.89 24.73
CA LEU B 600 18.89 17.57 23.63
C LEU B 600 20.33 17.10 23.49
N ALA B 601 21.00 16.86 24.62
CA ALA B 601 22.39 16.39 24.56
C ALA B 601 22.48 15.02 23.91
N TYR B 602 21.61 14.09 24.33
CA TYR B 602 21.59 12.77 23.72
C TYR B 602 21.18 12.84 22.24
N GLY B 603 20.40 13.86 21.87
CA GLY B 603 20.00 13.99 20.48
C GLY B 603 21.00 14.66 19.57
N ILE B 604 21.93 15.44 20.11
CA ILE B 604 22.90 16.17 19.30
C ILE B 604 24.32 15.66 19.49
N THR B 605 24.53 14.58 20.26
CA THR B 605 25.87 14.07 20.46
C THR B 605 26.01 12.67 19.88
N PRO B 606 27.21 12.30 19.43
CA PRO B 606 27.41 10.94 18.89
C PRO B 606 27.14 9.88 19.94
N GLU B 607 26.77 8.68 19.47
CA GLU B 607 26.48 7.58 20.37
C GLU B 607 27.71 7.16 21.18
N ASN B 608 28.90 7.34 20.64
CA ASN B 608 30.13 6.96 21.33
C ASN B 608 30.63 8.04 22.29
N GLU B 609 29.91 9.14 22.43
CA GLU B 609 30.30 10.22 23.33
C GLU B 609 29.17 10.61 24.29
N HIS B 610 28.17 9.73 24.46
CA HIS B 610 27.06 10.01 25.37
C HIS B 610 27.52 10.19 26.81
N HIS B 611 28.67 9.61 27.17
CA HIS B 611 29.21 9.84 28.51
C HIS B 611 29.51 11.31 28.75
N LEU B 612 29.86 12.05 27.68
CA LEU B 612 30.08 13.48 27.83
C LEU B 612 28.81 14.20 28.26
N VAL B 613 27.65 13.60 28.02
CA VAL B 613 26.39 14.17 28.52
C VAL B 613 26.39 14.16 30.04
N ALA B 614 26.92 13.09 30.64
CA ALA B 614 26.98 13.02 32.09
C ALA B 614 27.99 14.01 32.66
N GLN B 615 29.08 14.26 31.93
CA GLN B 615 30.09 15.20 32.37
C GLN B 615 29.71 16.65 32.11
N ARG B 616 28.56 16.90 31.47
CA ARG B 616 28.09 18.25 31.15
C ARG B 616 29.12 19.00 30.29
N ASP B 617 29.66 18.29 29.30
CA ASP B 617 30.63 18.85 28.36
C ASP B 617 30.16 18.54 26.94
N ILE B 618 29.35 19.43 26.39
CA ILE B 618 28.79 19.27 25.05
C ILE B 618 29.38 20.36 24.16
N ARG B 619 29.92 19.97 23.01
CA ARG B 619 30.52 20.94 22.11
C ARG B 619 29.46 21.81 21.44
N GLN B 620 28.31 21.23 21.10
CA GLN B 620 27.27 21.98 20.41
C GLN B 620 26.69 23.11 21.26
N PHE B 621 26.84 23.05 22.58
CA PHE B 621 26.36 24.10 23.47
C PHE B 621 27.38 25.21 23.66
N GLN B 622 28.40 25.29 22.80
CA GLN B 622 29.43 26.31 22.88
C GLN B 622 29.44 27.11 21.58
N LEU B 623 29.75 28.40 21.69
CA LEU B 623 29.73 29.27 20.52
C LEU B 623 30.89 28.95 19.58
N GLN B 624 31.97 28.37 20.10
CA GLN B 624 33.13 28.06 19.27
C GLN B 624 32.81 26.95 18.27
N HIS B 625 31.83 26.10 18.57
CA HIS B 625 31.48 25.03 17.66
C HIS B 625 30.77 25.56 16.42
N TRP B 626 29.78 26.43 16.60
CA TRP B 626 29.03 26.98 15.49
C TRP B 626 29.80 28.05 14.72
N LEU B 627 30.91 28.54 15.27
CA LEU B 627 31.73 29.56 14.62
C LEU B 627 33.10 29.03 14.21
N ALA B 628 33.21 27.72 13.99
CA ALA B 628 34.50 27.15 13.61
C ALA B 628 34.90 27.60 12.20
N ILE B 629 33.99 27.44 11.24
CA ILE B 629 34.21 27.82 9.84
C ILE B 629 35.42 27.09 9.25
#